data_6MPL
# 
_entry.id   6MPL 
# 
_audit_conform.dict_name       mmcif_pdbx.dic 
_audit_conform.dict_version    5.398 
_audit_conform.dict_location   http://mmcif.pdb.org/dictionaries/ascii/mmcif_pdbx.dic 
# 
loop_
_database_2.database_id 
_database_2.database_code 
_database_2.pdbx_database_accession 
_database_2.pdbx_DOI 
PDB   6MPL         pdb_00006mpl 10.2210/pdb6mpl/pdb 
WWPDB D_1000237362 ?            ?                   
# 
loop_
_pdbx_audit_revision_history.ordinal 
_pdbx_audit_revision_history.data_content_type 
_pdbx_audit_revision_history.major_revision 
_pdbx_audit_revision_history.minor_revision 
_pdbx_audit_revision_history.revision_date 
1 'Structure model' 1 0 2019-01-30 
2 'Structure model' 1 1 2019-02-13 
3 'Structure model' 1 2 2020-01-01 
4 'Structure model' 1 3 2020-07-29 
5 'Structure model' 1 4 2023-10-11 
6 'Structure model' 1 5 2024-11-13 
# 
loop_
_pdbx_audit_revision_details.ordinal 
_pdbx_audit_revision_details.revision_ordinal 
_pdbx_audit_revision_details.data_content_type 
_pdbx_audit_revision_details.provider 
_pdbx_audit_revision_details.type 
_pdbx_audit_revision_details.description 
_pdbx_audit_revision_details.details 
1 1 'Structure model' repository 'Initial release' ?                          ? 
2 4 'Structure model' repository Remediation       'Carbohydrate remediation' ? 
# 
loop_
_pdbx_audit_revision_group.ordinal 
_pdbx_audit_revision_group.revision_ordinal 
_pdbx_audit_revision_group.data_content_type 
_pdbx_audit_revision_group.group 
1  2 'Structure model' 'Data collection'            
2  2 'Structure model' 'Database references'        
3  3 'Structure model' 'Author supporting evidence' 
4  4 'Structure model' 'Data collection'            
5  4 'Structure model' 'Derived calculations'       
6  4 'Structure model' 'Structure summary'          
7  5 'Structure model' 'Data collection'            
8  5 'Structure model' 'Database references'        
9  5 'Structure model' 'Refinement description'     
10 5 'Structure model' 'Structure summary'          
11 6 'Structure model' 'Structure summary'          
# 
loop_
_pdbx_audit_revision_category.ordinal 
_pdbx_audit_revision_category.revision_ordinal 
_pdbx_audit_revision_category.data_content_type 
_pdbx_audit_revision_category.category 
1  2 'Structure model' citation                      
2  2 'Structure model' citation_author               
3  3 'Structure model' pdbx_audit_support            
4  4 'Structure model' chem_comp                     
5  4 'Structure model' entity                        
6  4 'Structure model' pdbx_chem_comp_identifier     
7  4 'Structure model' pdbx_entity_nonpoly           
8  4 'Structure model' struct_site                   
9  4 'Structure model' struct_site_gen               
10 5 'Structure model' chem_comp                     
11 5 'Structure model' chem_comp_atom                
12 5 'Structure model' chem_comp_bond                
13 5 'Structure model' database_2                    
14 5 'Structure model' pdbx_initial_refinement_model 
15 6 'Structure model' pdbx_entry_details            
16 6 'Structure model' pdbx_modification_feature     
# 
loop_
_pdbx_audit_revision_item.ordinal 
_pdbx_audit_revision_item.revision_ordinal 
_pdbx_audit_revision_item.data_content_type 
_pdbx_audit_revision_item.item 
1  2 'Structure model' '_citation.journal_volume'                 
2  2 'Structure model' '_citation.page_first'                     
3  2 'Structure model' '_citation.page_last'                      
4  2 'Structure model' '_citation_author.identifier_ORCID'        
5  3 'Structure model' '_pdbx_audit_support.funding_organization' 
6  4 'Structure model' '_chem_comp.mon_nstd_flag'                 
7  4 'Structure model' '_chem_comp.name'                          
8  4 'Structure model' '_chem_comp.type'                          
9  4 'Structure model' '_entity.pdbx_description'                 
10 4 'Structure model' '_pdbx_entity_nonpoly.name'                
11 5 'Structure model' '_chem_comp.pdbx_synonyms'                 
12 5 'Structure model' '_database_2.pdbx_DOI'                     
13 5 'Structure model' '_database_2.pdbx_database_accession'      
# 
_pdbx_database_status.status_code                     REL 
_pdbx_database_status.status_code_sf                  REL 
_pdbx_database_status.status_code_mr                  ? 
_pdbx_database_status.entry_id                        6MPL 
_pdbx_database_status.recvd_initial_deposition_date   2018-10-07 
_pdbx_database_status.SG_entry                        N 
_pdbx_database_status.deposit_site                    RCSB 
_pdbx_database_status.process_site                    RCSB 
_pdbx_database_status.status_code_cs                  ? 
_pdbx_database_status.methods_development_category    ? 
_pdbx_database_status.pdb_format_compatible           Y 
_pdbx_database_status.status_code_nmr_data            ? 
# 
loop_
_audit_author.name 
_audit_author.pdbx_ordinal 
_audit_author.identifier_ORCID 
'Kreitler, D.F.'  1 ? 
'Yao, Z.'         2 ? 
'Mortenson, D.E.' 3 ? 
'Forest, K.T.'    4 ? 
'Gellman, S.H.'   5 ? 
# 
_citation.abstract                  ? 
_citation.abstract_id_CAS           ? 
_citation.book_id_ISBN              ? 
_citation.book_publisher            ? 
_citation.book_publisher_city       ? 
_citation.book_title                ? 
_citation.coordinate_linkage        ? 
_citation.country                   US 
_citation.database_id_Medline       ? 
_citation.details                   ? 
_citation.id                        primary 
_citation.journal_abbrev            'J. Am. Chem. Soc.' 
_citation.journal_id_ASTM           JACSAT 
_citation.journal_id_CSD            ? 
_citation.journal_id_ISSN           1520-5126 
_citation.journal_full              ? 
_citation.journal_issue             ? 
_citation.journal_volume            141 
_citation.language                  ? 
_citation.page_first                1583 
_citation.page_last                 1592 
_citation.title                     'A Hendecad Motif Is Preferred for Heterochiral Coiled-Coil Formation.' 
_citation.year                      2019 
_citation.database_id_CSD           ? 
_citation.pdbx_database_id_DOI      10.1021/jacs.8b11246 
_citation.pdbx_database_id_PubMed   30645104 
_citation.unpublished_flag          ? 
# 
loop_
_citation_author.citation_id 
_citation_author.name 
_citation_author.ordinal 
_citation_author.identifier_ORCID 
primary 'Kreitler, D.F.'    1 ? 
primary 'Yao, Z.'           2 ? 
primary 'Steinkruger, J.D.' 3 ? 
primary 'Mortenson, D.E.'   4 ? 
primary 'Huang, L.'         5 ? 
primary 'Mittal, R.'        6 ? 
primary 'Travis, B.R.'      7 ? 
primary 'Forest, K.T.'      8 ? 
primary 'Gellman, S.H.'     9 ? 
# 
loop_
_entity.id 
_entity.type 
_entity.src_method 
_entity.pdbx_description 
_entity.formula_weight 
_entity.pdbx_number_of_molecules 
_entity.pdbx_ec 
_entity.pdbx_mutation 
_entity.pdbx_fragment 
_entity.details 
1 polymer     syn 'Matrix protein 2'              2437.043 1 ? 'I39A, G34A' 'residues 25-46' ? 
2 non-polymer man 'octyl beta-D-glucopyranoside'  292.369  3 ? ?            ?                ? 
3 non-polymer syn '(4S)-2-METHYL-2,4-PENTANEDIOL' 118.174  1 ? ?            ?                ? 
4 water       nat water                           18.015   4 ? ?            ?                ? 
# 
_entity_name_com.entity_id   1 
_entity_name_com.name        'Proton channel protein M2' 
# 
_entity_poly.entity_id                      1 
_entity_poly.type                           'polypeptide(L)' 
_entity_poly.nstd_linkage                   no 
_entity_poly.nstd_monomer                   yes 
_entity_poly.pdbx_seq_one_letter_code       '(ACE)PLVVAASIIAILHLALWILDRL(NH2)' 
_entity_poly.pdbx_seq_one_letter_code_can   XPLVVAASIIAILHLALWILDRLX 
_entity_poly.pdbx_strand_id                 A 
_entity_poly.pdbx_target_identifier         ? 
# 
loop_
_pdbx_entity_nonpoly.entity_id 
_pdbx_entity_nonpoly.name 
_pdbx_entity_nonpoly.comp_id 
2 'octyl beta-D-glucopyranoside'  BOG 
3 '(4S)-2-METHYL-2,4-PENTANEDIOL' MPD 
4 water                           HOH 
# 
loop_
_entity_poly_seq.entity_id 
_entity_poly_seq.num 
_entity_poly_seq.mon_id 
_entity_poly_seq.hetero 
1 1  ACE n 
1 2  PRO n 
1 3  LEU n 
1 4  VAL n 
1 5  VAL n 
1 6  ALA n 
1 7  ALA n 
1 8  SER n 
1 9  ILE n 
1 10 ILE n 
1 11 ALA n 
1 12 ILE n 
1 13 LEU n 
1 14 HIS n 
1 15 LEU n 
1 16 ALA n 
1 17 LEU n 
1 18 TRP n 
1 19 ILE n 
1 20 LEU n 
1 21 ASP n 
1 22 ARG n 
1 23 LEU n 
1 24 NH2 n 
# 
_pdbx_entity_src_syn.entity_id              1 
_pdbx_entity_src_syn.pdbx_src_id            1 
_pdbx_entity_src_syn.pdbx_alt_source_flag   sample 
_pdbx_entity_src_syn.pdbx_beg_seq_num       1 
_pdbx_entity_src_syn.pdbx_end_seq_num       24 
_pdbx_entity_src_syn.organism_scientific    'Influenza A virus (strain A/Hong Kong/156/1997 H5N1 genotype Gs/Gd)' 
_pdbx_entity_src_syn.organism_common_name   ? 
_pdbx_entity_src_syn.ncbi_taxonomy_id       130763 
_pdbx_entity_src_syn.details                ? 
# 
loop_
_chem_comp.id 
_chem_comp.type 
_chem_comp.mon_nstd_flag 
_chem_comp.name 
_chem_comp.pdbx_synonyms 
_chem_comp.formula 
_chem_comp.formula_weight 
ACE non-polymer         . 'ACETYL GROUP'                  ? 'C2 H4 O'        44.053  
ALA 'L-peptide linking' y ALANINE                         ? 'C3 H7 N O2'     89.093  
ARG 'L-peptide linking' y ARGININE                        ? 'C6 H15 N4 O2 1' 175.209 
ASP 'L-peptide linking' y 'ASPARTIC ACID'                 ? 'C4 H7 N O4'     133.103 
BOG D-saccharide        n 'octyl beta-D-glucopyranoside'  
'Beta-Octylglucoside; octyl beta-D-glucoside; octyl D-glucoside; octyl glucoside' 'C14 H28 O6'     292.369 
GLY 'peptide linking'   y GLYCINE                         ? 'C2 H5 N O2'     75.067  
HIS 'L-peptide linking' y HISTIDINE                       ? 'C6 H10 N3 O2 1' 156.162 
HOH non-polymer         . WATER                           ? 'H2 O'           18.015  
ILE 'L-peptide linking' y ISOLEUCINE                      ? 'C6 H13 N O2'    131.173 
LEU 'L-peptide linking' y LEUCINE                         ? 'C6 H13 N O2'    131.173 
MPD non-polymer         . '(4S)-2-METHYL-2,4-PENTANEDIOL' ? 'C6 H14 O2'      118.174 
NH2 non-polymer         . 'AMINO GROUP'                   ? 'H2 N'           16.023  
PRO 'L-peptide linking' y PROLINE                         ? 'C5 H9 N O2'     115.130 
SER 'L-peptide linking' y SERINE                          ? 'C3 H7 N O3'     105.093 
TRP 'L-peptide linking' y TRYPTOPHAN                      ? 'C11 H12 N2 O2'  204.225 
VAL 'L-peptide linking' y VALINE                          ? 'C5 H11 N O2'    117.146 
# 
_pdbx_chem_comp_identifier.comp_id           BOG 
_pdbx_chem_comp_identifier.type              'IUPAC CARBOHYDRATE SYMBOL' 
_pdbx_chem_comp_identifier.program           PDB-CARE 
_pdbx_chem_comp_identifier.program_version   1.0 
_pdbx_chem_comp_identifier.identifier        b-octylglucoside 
# 
loop_
_pdbx_poly_seq_scheme.asym_id 
_pdbx_poly_seq_scheme.entity_id 
_pdbx_poly_seq_scheme.seq_id 
_pdbx_poly_seq_scheme.mon_id 
_pdbx_poly_seq_scheme.ndb_seq_num 
_pdbx_poly_seq_scheme.pdb_seq_num 
_pdbx_poly_seq_scheme.auth_seq_num 
_pdbx_poly_seq_scheme.pdb_mon_id 
_pdbx_poly_seq_scheme.auth_mon_id 
_pdbx_poly_seq_scheme.pdb_strand_id 
_pdbx_poly_seq_scheme.pdb_ins_code 
_pdbx_poly_seq_scheme.hetero 
A 1 1  ACE 1  24 24 ACE ACE A . n 
A 1 2  PRO 2  25 25 PRO PRO A . n 
A 1 3  LEU 3  26 26 LEU LEU A . n 
A 1 4  VAL 4  27 27 VAL VAL A . n 
A 1 5  VAL 5  28 28 VAL VAL A . n 
A 1 6  ALA 6  29 29 ALA ALA A . n 
A 1 7  ALA 7  30 30 ALA ALA A . n 
A 1 8  SER 8  31 31 SER SER A . n 
A 1 9  ILE 9  32 32 ILE ILE A . n 
A 1 10 ILE 10 33 33 ILE ILE A . n 
A 1 11 ALA 11 34 34 ALA ALA A . n 
A 1 12 ILE 12 35 35 ILE ILE A . n 
A 1 13 LEU 13 36 36 LEU LEU A . n 
A 1 14 HIS 14 37 37 HIS HIS A . n 
A 1 15 LEU 15 38 38 LEU LEU A . n 
A 1 16 ALA 16 39 39 ALA ALA A . n 
A 1 17 LEU 17 40 40 LEU LEU A . n 
A 1 18 TRP 18 41 41 TRP TRP A . n 
A 1 19 ILE 19 42 42 ILE ILE A . n 
A 1 20 LEU 20 43 43 LEU LEU A . n 
A 1 21 ASP 21 44 44 ASP ASP A . n 
A 1 22 ARG 22 45 45 ARG ARG A . n 
A 1 23 LEU 23 46 46 LEU LEU A . n 
A 1 24 NH2 24 47 47 NH2 NH2 A . n 
# 
loop_
_pdbx_nonpoly_scheme.asym_id 
_pdbx_nonpoly_scheme.entity_id 
_pdbx_nonpoly_scheme.mon_id 
_pdbx_nonpoly_scheme.ndb_seq_num 
_pdbx_nonpoly_scheme.pdb_seq_num 
_pdbx_nonpoly_scheme.auth_seq_num 
_pdbx_nonpoly_scheme.pdb_mon_id 
_pdbx_nonpoly_scheme.auth_mon_id 
_pdbx_nonpoly_scheme.pdb_strand_id 
_pdbx_nonpoly_scheme.pdb_ins_code 
B 2 BOG 1 101 1 BOG BOG A . 
C 2 BOG 1 102 2 BOG BOG A . 
D 2 BOG 1 103 3 BOG BOG A . 
E 3 MPD 1 104 1 MPD MPD A . 
F 4 HOH 1 201 4 HOH HOH A . 
F 4 HOH 2 202 1 HOH HOH A . 
F 4 HOH 3 203 2 HOH HOH A . 
F 4 HOH 4 204 3 HOH HOH A . 
# 
loop_
_pdbx_unobs_or_zero_occ_atoms.id 
_pdbx_unobs_or_zero_occ_atoms.PDB_model_num 
_pdbx_unobs_or_zero_occ_atoms.polymer_flag 
_pdbx_unobs_or_zero_occ_atoms.occupancy_flag 
_pdbx_unobs_or_zero_occ_atoms.auth_asym_id 
_pdbx_unobs_or_zero_occ_atoms.auth_comp_id 
_pdbx_unobs_or_zero_occ_atoms.auth_seq_id 
_pdbx_unobs_or_zero_occ_atoms.PDB_ins_code 
_pdbx_unobs_or_zero_occ_atoms.auth_atom_id 
_pdbx_unobs_or_zero_occ_atoms.label_alt_id 
_pdbx_unobs_or_zero_occ_atoms.label_asym_id 
_pdbx_unobs_or_zero_occ_atoms.label_comp_id 
_pdbx_unobs_or_zero_occ_atoms.label_seq_id 
_pdbx_unobs_or_zero_occ_atoms.label_atom_id 
1  1 N 1 A BOG 101 ? "C7'" ? B BOG 1 "C7'" 
2  1 N 1 A BOG 101 ? "C8'" ? B BOG 1 "C8'" 
3  1 N 1 A BOG 103 ? C1    ? D BOG 1 C1    
4  1 N 1 A BOG 103 ? O1    ? D BOG 1 O1    
5  1 N 1 A BOG 103 ? C2    ? D BOG 1 C2    
6  1 N 1 A BOG 103 ? O2    ? D BOG 1 O2    
7  1 N 1 A BOG 103 ? C3    ? D BOG 1 C3    
8  1 N 1 A BOG 103 ? O3    ? D BOG 1 O3    
9  1 N 1 A BOG 103 ? C4    ? D BOG 1 C4    
10 1 N 1 A BOG 103 ? O4    ? D BOG 1 O4    
11 1 N 1 A BOG 103 ? C5    ? D BOG 1 C5    
12 1 N 1 A BOG 103 ? O5    ? D BOG 1 O5    
13 1 N 1 A BOG 103 ? C6    ? D BOG 1 C6    
14 1 N 1 A BOG 103 ? O6    ? D BOG 1 O6    
# 
loop_
_software.citation_id 
_software.classification 
_software.compiler_name 
_software.compiler_version 
_software.contact_author 
_software.contact_author_email 
_software.date 
_software.description 
_software.dependencies 
_software.hardware 
_software.language 
_software.location 
_software.mods 
_software.name 
_software.os 
_software.os_version 
_software.type 
_software.version 
_software.pdbx_ordinal 
? refinement        ? ? ?                 ?                                       ?              ? ? ? ?   ? ? PHENIX      ? ? ? 
1.13_2998 1 
? 'data reduction'  ? ? 'Wolfgang Kabsch' Wolfgang.Kabsch@mpimf-heidelberg.mpg.de ?              ? ? ? ?   
http://www.mpimf-heidelberg.mpg.de/~kabsch/xds/                             ? XDS         ? ? package .         2 
? 'data scaling'    ? ? 'Wolfgang Kabsch' ?                                       ?              ? ? ? ?   
http://www.mpimf-heidelberg.mpg.de/~kabsch/xds/html_doc/xscale_program.html ? XSCALE      ? ? package .         3 
? phasing           ? ? 'Randy J. Read'   cimr-phaser@lists.cam.ac.uk             ?              ? ? ? ?   
http://www-structmed.cimr.cam.ac.uk/phaser/                                 ? PHASER      ? ? program .         4 
? 'data extraction' ? ? PDB               deposit@deposit.rcsb.org                'Sep. 1, 2017' ? ? ? C++ 
http://sw-tools.pdb.org/apps/PDB_EXTRACT/                                   ? PDB_EXTRACT ? ? package 3.24      5 
# 
_cell.angle_alpha                  94.270 
_cell.angle_alpha_esd              ? 
_cell.angle_beta                   90.020 
_cell.angle_beta_esd               ? 
_cell.angle_gamma                  109.510 
_cell.angle_gamma_esd              ? 
_cell.entry_id                     6MPL 
_cell.details                      ? 
_cell.formula_units_Z              ? 
_cell.length_a                     17.120 
_cell.length_a_esd                 ? 
_cell.length_b                     18.840 
_cell.length_b_esd                 ? 
_cell.length_c                     37.020 
_cell.length_c_esd                 ? 
_cell.volume                       ? 
_cell.volume_esd                   ? 
_cell.Z_PDB                        2 
_cell.reciprocal_angle_alpha       ? 
_cell.reciprocal_angle_beta        ? 
_cell.reciprocal_angle_gamma       ? 
_cell.reciprocal_angle_alpha_esd   ? 
_cell.reciprocal_angle_beta_esd    ? 
_cell.reciprocal_angle_gamma_esd   ? 
_cell.reciprocal_length_a          ? 
_cell.reciprocal_length_b          ? 
_cell.reciprocal_length_c          ? 
_cell.reciprocal_length_a_esd      ? 
_cell.reciprocal_length_b_esd      ? 
_cell.reciprocal_length_c_esd      ? 
_cell.pdbx_unique_axis             ? 
# 
_symmetry.entry_id                         6MPL 
_symmetry.cell_setting                     ? 
_symmetry.Int_Tables_number                2 
_symmetry.space_group_name_Hall            ? 
_symmetry.space_group_name_H-M             'P -1' 
_symmetry.pdbx_full_space_group_name_H-M   ? 
# 
_exptl.absorpt_coefficient_mu     ? 
_exptl.absorpt_correction_T_max   ? 
_exptl.absorpt_correction_T_min   ? 
_exptl.absorpt_correction_type    ? 
_exptl.absorpt_process_details    ? 
_exptl.entry_id                   6MPL 
_exptl.crystals_number            1 
_exptl.details                    ? 
_exptl.method                     'X-RAY DIFFRACTION' 
_exptl.method_details             ? 
# 
_exptl_crystal.colour                      ? 
_exptl_crystal.density_diffrn              ? 
_exptl_crystal.density_Matthews            2.30 
_exptl_crystal.density_method              ? 
_exptl_crystal.density_percent_sol         46.57 
_exptl_crystal.description                 'plate-like shards' 
_exptl_crystal.F_000                       ? 
_exptl_crystal.id                          1 
_exptl_crystal.preparation                 ? 
_exptl_crystal.size_max                    ? 
_exptl_crystal.size_mid                    ? 
_exptl_crystal.size_min                    ? 
_exptl_crystal.size_rad                    ? 
_exptl_crystal.colour_lustre               ? 
_exptl_crystal.colour_modifier             ? 
_exptl_crystal.colour_primary              ? 
_exptl_crystal.density_meas                ? 
_exptl_crystal.density_meas_esd            ? 
_exptl_crystal.density_meas_gt             ? 
_exptl_crystal.density_meas_lt             ? 
_exptl_crystal.density_meas_temp           ? 
_exptl_crystal.density_meas_temp_esd       ? 
_exptl_crystal.density_meas_temp_gt        ? 
_exptl_crystal.density_meas_temp_lt        ? 
_exptl_crystal.pdbx_crystal_image_url      ? 
_exptl_crystal.pdbx_crystal_image_format   ? 
_exptl_crystal.pdbx_mosaicity              ? 
_exptl_crystal.pdbx_mosaicity_esd          ? 
# 
_exptl_crystal_grow.apparatus       ? 
_exptl_crystal_grow.atmosphere      ? 
_exptl_crystal_grow.crystal_id      1 
_exptl_crystal_grow.details         ? 
_exptl_crystal_grow.method          'VAPOR DIFFUSION, HANGING DROP' 
_exptl_crystal_grow.method_ref      ? 
_exptl_crystal_grow.pH              6.5 
_exptl_crystal_grow.pressure        ? 
_exptl_crystal_grow.pressure_esd    ? 
_exptl_crystal_grow.seeding         ? 
_exptl_crystal_grow.seeding_ref     ? 
_exptl_crystal_grow.temp            295 
_exptl_crystal_grow.temp_details    ? 
_exptl_crystal_grow.temp_esd        ? 
_exptl_crystal_grow.time            ? 
_exptl_crystal_grow.pdbx_details    
;0.1 M N-(2-Acetamido)iminodiacetic acid
20% v/v (+/-)-2-Methyl-2,4-pentanediol
;
_exptl_crystal_grow.pdbx_pH_range   ? 
# 
_diffrn.ambient_environment              ? 
_diffrn.ambient_temp                     100 
_diffrn.ambient_temp_details             ? 
_diffrn.ambient_temp_esd                 ? 
_diffrn.crystal_id                       1 
_diffrn.crystal_support                  ? 
_diffrn.crystal_treatment                ? 
_diffrn.details                          ? 
_diffrn.id                               1 
_diffrn.ambient_pressure                 ? 
_diffrn.ambient_pressure_esd             ? 
_diffrn.ambient_pressure_gt              ? 
_diffrn.ambient_pressure_lt              ? 
_diffrn.ambient_temp_gt                  ? 
_diffrn.ambient_temp_lt                  ? 
_diffrn.pdbx_serial_crystal_experiment   N 
# 
_diffrn_detector.details                      ? 
_diffrn_detector.detector                     CCD 
_diffrn_detector.diffrn_id                    1 
_diffrn_detector.type                         'MARMOSAIC 300 mm CCD' 
_diffrn_detector.area_resol_mean              ? 
_diffrn_detector.dtime                        ? 
_diffrn_detector.pdbx_frames_total            ? 
_diffrn_detector.pdbx_collection_time_total   ? 
_diffrn_detector.pdbx_collection_date         2015-07-26 
_diffrn_detector.pdbx_frequency               ? 
# 
_diffrn_radiation.collimation                      ? 
_diffrn_radiation.diffrn_id                        1 
_diffrn_radiation.filter_edge                      ? 
_diffrn_radiation.inhomogeneity                    ? 
_diffrn_radiation.monochromator                    ? 
_diffrn_radiation.polarisn_norm                    ? 
_diffrn_radiation.polarisn_ratio                   ? 
_diffrn_radiation.probe                            ? 
_diffrn_radiation.type                             ? 
_diffrn_radiation.xray_symbol                      ? 
_diffrn_radiation.wavelength_id                    1 
_diffrn_radiation.pdbx_monochromatic_or_laue_m_l   M 
_diffrn_radiation.pdbx_wavelength_list             ? 
_diffrn_radiation.pdbx_wavelength                  ? 
_diffrn_radiation.pdbx_diffrn_protocol             'SINGLE WAVELENGTH' 
_diffrn_radiation.pdbx_analyzer                    ? 
_diffrn_radiation.pdbx_scattering_type             x-ray 
# 
_diffrn_radiation_wavelength.id           1 
_diffrn_radiation_wavelength.wavelength   0.97856 
_diffrn_radiation_wavelength.wt           1.0 
# 
_diffrn_source.current                     ? 
_diffrn_source.details                     ? 
_diffrn_source.diffrn_id                   1 
_diffrn_source.power                       ? 
_diffrn_source.size                        ? 
_diffrn_source.source                      SYNCHROTRON 
_diffrn_source.target                      ? 
_diffrn_source.type                        'APS BEAMLINE 21-ID-G' 
_diffrn_source.voltage                     ? 
_diffrn_source.take-off_angle              ? 
_diffrn_source.pdbx_wavelength_list        0.97856 
_diffrn_source.pdbx_wavelength             ? 
_diffrn_source.pdbx_synchrotron_beamline   21-ID-G 
_diffrn_source.pdbx_synchrotron_site       APS 
# 
_reflns.B_iso_Wilson_estimate            48.960 
_reflns.entry_id                         6MPL 
_reflns.data_reduction_details           ? 
_reflns.data_reduction_method            ? 
_reflns.d_resolution_high                1.55 
_reflns.d_resolution_low                 17.701 
_reflns.details                          ? 
_reflns.limit_h_max                      ? 
_reflns.limit_h_min                      ? 
_reflns.limit_k_max                      ? 
_reflns.limit_k_min                      ? 
_reflns.limit_l_max                      ? 
_reflns.limit_l_min                      ? 
_reflns.number_all                       ? 
_reflns.number_obs                       6048 
_reflns.observed_criterion               ? 
_reflns.observed_criterion_F_max         ? 
_reflns.observed_criterion_F_min         ? 
_reflns.observed_criterion_I_max         ? 
_reflns.observed_criterion_I_min         ? 
_reflns.observed_criterion_sigma_F       ? 
_reflns.observed_criterion_sigma_I       ? 
_reflns.percent_possible_obs             95.51 
_reflns.R_free_details                   ? 
_reflns.Rmerge_F_all                     ? 
_reflns.Rmerge_F_obs                     ? 
_reflns.Friedel_coverage                 ? 
_reflns.number_gt                        ? 
_reflns.threshold_expression             ? 
_reflns.pdbx_redundancy                  3.4 
_reflns.pdbx_Rmerge_I_obs                ? 
_reflns.pdbx_Rmerge_I_all                ? 
_reflns.pdbx_Rsym_value                  .04353 
_reflns.pdbx_netI_over_av_sigmaI         ? 
_reflns.pdbx_netI_over_sigmaI            12.36 
_reflns.pdbx_res_netI_over_av_sigmaI_2   ? 
_reflns.pdbx_res_netI_over_sigmaI_2      ? 
_reflns.pdbx_chi_squared                 ? 
_reflns.pdbx_scaling_rejects             ? 
_reflns.pdbx_d_res_high_opt              ? 
_reflns.pdbx_d_res_low_opt               ? 
_reflns.pdbx_d_res_opt_method            ? 
_reflns.phase_calculation_details        ? 
_reflns.pdbx_Rrim_I_all                  .05219 
_reflns.pdbx_Rpim_I_all                  .02847 
_reflns.pdbx_d_opt                       ? 
_reflns.pdbx_number_measured_all         ? 
_reflns.pdbx_diffrn_id                   1 
_reflns.pdbx_ordinal                     1 
_reflns.pdbx_CC_half                     .998 
_reflns.pdbx_R_split                     ? 
# 
_reflns_shell.d_res_high                  1.55 
_reflns_shell.d_res_low                   1.605 
_reflns_shell.meanI_over_sigI_all         ? 
_reflns_shell.meanI_over_sigI_obs         5.19 
_reflns_shell.number_measured_all         ? 
_reflns_shell.number_measured_obs         ? 
_reflns_shell.number_possible             ? 
_reflns_shell.number_unique_all           ? 
_reflns_shell.number_unique_obs           577 
_reflns_shell.percent_possible_all        93.97 
_reflns_shell.percent_possible_obs        ? 
_reflns_shell.Rmerge_F_all                ? 
_reflns_shell.Rmerge_F_obs                ? 
_reflns_shell.Rmerge_I_all                ? 
_reflns_shell.Rmerge_I_obs                ? 
_reflns_shell.meanI_over_sigI_gt          ? 
_reflns_shell.meanI_over_uI_all           ? 
_reflns_shell.meanI_over_uI_gt            ? 
_reflns_shell.number_measured_gt          ? 
_reflns_shell.number_unique_gt            ? 
_reflns_shell.percent_possible_gt         ? 
_reflns_shell.Rmerge_F_gt                 ? 
_reflns_shell.Rmerge_I_gt                 ? 
_reflns_shell.pdbx_redundancy             3.5 
_reflns_shell.pdbx_Rsym_value             .1307 
_reflns_shell.pdbx_chi_squared            ? 
_reflns_shell.pdbx_netI_over_sigmaI_all   ? 
_reflns_shell.pdbx_netI_over_sigmaI_obs   ? 
_reflns_shell.pdbx_Rrim_I_all             .1553 
_reflns_shell.pdbx_Rpim_I_all             .08356 
_reflns_shell.pdbx_rejects                ? 
_reflns_shell.pdbx_ordinal                1 
_reflns_shell.pdbx_diffrn_id              1 
_reflns_shell.pdbx_CC_half                .996 
_reflns_shell.pdbx_R_split                ? 
# 
_refine.aniso_B[1][1]                            ? 
_refine.aniso_B[1][2]                            ? 
_refine.aniso_B[1][3]                            ? 
_refine.aniso_B[2][2]                            ? 
_refine.aniso_B[2][3]                            ? 
_refine.aniso_B[3][3]                            ? 
_refine.B_iso_max                                103.980 
_refine.B_iso_mean                               38.5849 
_refine.B_iso_min                                19.750 
_refine.correlation_coeff_Fo_to_Fc               ? 
_refine.correlation_coeff_Fo_to_Fc_free          ? 
_refine.details                                  ? 
_refine.diff_density_max                         ? 
_refine.diff_density_max_esd                     ? 
_refine.diff_density_min                         ? 
_refine.diff_density_min_esd                     ? 
_refine.diff_density_rms                         ? 
_refine.diff_density_rms_esd                     ? 
_refine.entry_id                                 6MPL 
_refine.pdbx_refine_id                           'X-RAY DIFFRACTION' 
_refine.ls_abs_structure_details                 ? 
_refine.ls_abs_structure_Flack                   ? 
_refine.ls_abs_structure_Flack_esd               ? 
_refine.ls_abs_structure_Rogers                  ? 
_refine.ls_abs_structure_Rogers_esd              ? 
_refine.ls_d_res_high                            1.5500 
_refine.ls_d_res_low                             17.7010 
_refine.ls_extinction_coef                       ? 
_refine.ls_extinction_coef_esd                   ? 
_refine.ls_extinction_expression                 ? 
_refine.ls_extinction_method                     ? 
_refine.ls_goodness_of_fit_all                   ? 
_refine.ls_goodness_of_fit_all_esd               ? 
_refine.ls_goodness_of_fit_obs                   ? 
_refine.ls_goodness_of_fit_obs_esd               ? 
_refine.ls_hydrogen_treatment                    ? 
_refine.ls_matrix_type                           ? 
_refine.ls_number_constraints                    ? 
_refine.ls_number_parameters                     ? 
_refine.ls_number_reflns_all                     ? 
_refine.ls_number_reflns_obs                     6015 
_refine.ls_number_reflns_R_free                  606 
_refine.ls_number_reflns_R_work                  ? 
_refine.ls_number_restraints                     ? 
_refine.ls_percent_reflns_obs                    95.5500 
_refine.ls_percent_reflns_R_free                 10.0700 
_refine.ls_R_factor_all                          ? 
_refine.ls_R_factor_obs                          0.2500 
_refine.ls_R_factor_R_free                       0.2614 
_refine.ls_R_factor_R_free_error                 ? 
_refine.ls_R_factor_R_free_error_details         ? 
_refine.ls_R_factor_R_work                       0.2486 
_refine.ls_R_Fsqd_factor_obs                     ? 
_refine.ls_R_I_factor_obs                        ? 
_refine.ls_redundancy_reflns_all                 ? 
_refine.ls_redundancy_reflns_obs                 ? 
_refine.ls_restrained_S_all                      ? 
_refine.ls_restrained_S_obs                      ? 
_refine.ls_shift_over_esd_max                    ? 
_refine.ls_shift_over_esd_mean                   ? 
_refine.ls_structure_factor_coef                 ? 
_refine.ls_weighting_details                     ? 
_refine.ls_weighting_scheme                      ? 
_refine.ls_wR_factor_all                         ? 
_refine.ls_wR_factor_obs                         ? 
_refine.ls_wR_factor_R_free                      ? 
_refine.ls_wR_factor_R_work                      ? 
_refine.occupancy_max                            ? 
_refine.occupancy_min                            ? 
_refine.solvent_model_details                    ? 
_refine.solvent_model_param_bsol                 ? 
_refine.solvent_model_param_ksol                 ? 
_refine.ls_R_factor_gt                           ? 
_refine.ls_goodness_of_fit_gt                    ? 
_refine.ls_goodness_of_fit_ref                   ? 
_refine.ls_shift_over_su_max                     ? 
_refine.ls_shift_over_su_max_lt                  ? 
_refine.ls_shift_over_su_mean                    ? 
_refine.ls_shift_over_su_mean_lt                 ? 
_refine.pdbx_ls_sigma_I                          ? 
_refine.pdbx_ls_sigma_F                          1.340 
_refine.pdbx_ls_sigma_Fsqd                       ? 
_refine.pdbx_data_cutoff_high_absF               ? 
_refine.pdbx_data_cutoff_high_rms_absF           ? 
_refine.pdbx_data_cutoff_low_absF                ? 
_refine.pdbx_isotropic_thermal_model             ? 
_refine.pdbx_ls_cross_valid_method               THROUGHOUT 
_refine.pdbx_method_to_determine_struct          'MOLECULAR REPLACEMENT' 
_refine.pdbx_starting_model                      4RWC 
_refine.pdbx_stereochemistry_target_values       ? 
_refine.pdbx_R_Free_selection_details            ? 
_refine.pdbx_stereochem_target_val_spec_case     ? 
_refine.pdbx_overall_ESU_R                       ? 
_refine.pdbx_overall_ESU_R_Free                  ? 
_refine.pdbx_solvent_vdw_probe_radii             1.1100 
_refine.pdbx_solvent_ion_probe_radii             ? 
_refine.pdbx_solvent_shrinkage_radii             0.9000 
_refine.pdbx_real_space_R                        ? 
_refine.pdbx_density_correlation                 ? 
_refine.pdbx_pd_number_of_powder_patterns        ? 
_refine.pdbx_pd_number_of_points                 ? 
_refine.pdbx_pd_meas_number_of_points            ? 
_refine.pdbx_pd_proc_ls_prof_R_factor            ? 
_refine.pdbx_pd_proc_ls_prof_wR_factor           ? 
_refine.pdbx_pd_Marquardt_correlation_coeff      ? 
_refine.pdbx_pd_Fsqrd_R_factor                   ? 
_refine.pdbx_pd_ls_matrix_band_width             ? 
_refine.pdbx_overall_phase_error                 33.5200 
_refine.pdbx_overall_SU_R_free_Cruickshank_DPI   ? 
_refine.pdbx_overall_SU_R_free_Blow_DPI          ? 
_refine.pdbx_overall_SU_R_Blow_DPI               ? 
_refine.pdbx_TLS_residual_ADP_flag               ? 
_refine.pdbx_diffrn_id                           1 
_refine.overall_SU_B                             ? 
_refine.overall_SU_ML                            0.0500 
_refine.overall_SU_R_Cruickshank_DPI             ? 
_refine.overall_SU_R_free                        ? 
_refine.overall_FOM_free_R_set                   ? 
_refine.overall_FOM_work_R_set                   ? 
_refine.pdbx_average_fsc_overall                 ? 
_refine.pdbx_average_fsc_work                    ? 
_refine.pdbx_average_fsc_free                    ? 
# 
_refine_hist.cycle_id                         final 
_refine_hist.pdbx_refine_id                   'X-RAY DIFFRACTION' 
_refine_hist.d_res_high                       1.5500 
_refine_hist.d_res_low                        17.7010 
_refine_hist.pdbx_number_atoms_ligand         119 
_refine_hist.number_atoms_solvent             4 
_refine_hist.number_atoms_total               297 
_refine_hist.pdbx_number_residues_total       24 
_refine_hist.pdbx_B_iso_mean_ligand           65.14 
_refine_hist.pdbx_B_iso_mean_solvent          37.99 
_refine_hist.pdbx_number_atoms_protein        174 
_refine_hist.pdbx_number_atoms_nucleic_acid   0 
# 
loop_
_refine_ls_shell.pdbx_refine_id 
_refine_ls_shell.d_res_high 
_refine_ls_shell.d_res_low 
_refine_ls_shell.number_reflns_all 
_refine_ls_shell.number_reflns_obs 
_refine_ls_shell.number_reflns_R_free 
_refine_ls_shell.number_reflns_R_work 
_refine_ls_shell.percent_reflns_obs 
_refine_ls_shell.percent_reflns_R_free 
_refine_ls_shell.R_factor_all 
_refine_ls_shell.R_factor_obs 
_refine_ls_shell.R_factor_R_free 
_refine_ls_shell.R_factor_R_free_error 
_refine_ls_shell.R_factor_R_work 
_refine_ls_shell.redundancy_reflns_all 
_refine_ls_shell.redundancy_reflns_obs 
_refine_ls_shell.wR_factor_all 
_refine_ls_shell.wR_factor_obs 
_refine_ls_shell.wR_factor_R_free 
_refine_ls_shell.wR_factor_R_work 
_refine_ls_shell.pdbx_total_number_of_bins_used 
_refine_ls_shell.pdbx_phase_error 
_refine_ls_shell.pdbx_fsc_work 
_refine_ls_shell.pdbx_fsc_free 
'X-RAY DIFFRACTION' 1.5500 1.7059  1492 . 147 1345 95.0000 . . . 0.3016 0.0000 0.2777 . . . . . . 4 . . . 
'X-RAY DIFFRACTION' 1.7059 1.9525  1490 . 152 1338 95.0000 . . . 0.2920 0.0000 0.2668 . . . . . . 4 . . . 
'X-RAY DIFFRACTION' 1.9525 2.4589  1512 . 153 1359 96.0000 . . . 0.2603 0.0000 0.2407 . . . . . . 4 . . . 
'X-RAY DIFFRACTION' 2.4589 17.7026 1521 . 154 1367 96.0000 . . . 0.2508 0.0000 0.2447 . . . . . . 4 . . . 
# 
_struct.entry_id                     6MPL 
_struct.title                        'Racemic M2-TM I39A crystallized from racemic detergent' 
_struct.pdbx_model_details           ? 
_struct.pdbx_formula_weight          ? 
_struct.pdbx_formula_weight_method   ? 
_struct.pdbx_model_type_details      ? 
_struct.pdbx_CASP_flag               N 
# 
_struct_keywords.entry_id        6MPL 
_struct_keywords.text            'transmembrane, racemic, coiled-coil, MEMBRANE PROTEIN' 
_struct_keywords.pdbx_keywords   'MEMBRANE PROTEIN' 
# 
loop_
_struct_asym.id 
_struct_asym.pdbx_blank_PDB_chainid_flag 
_struct_asym.pdbx_modified 
_struct_asym.entity_id 
_struct_asym.details 
A N N 1 ? 
B N N 2 ? 
C N N 2 ? 
D N N 2 ? 
E N N 3 ? 
F N N 4 ? 
# 
_struct_ref.id                         1 
_struct_ref.db_name                    UNP 
_struct_ref.db_code                    M2_I97A1 
_struct_ref.pdbx_db_accession          O70632 
_struct_ref.pdbx_db_isoform            ? 
_struct_ref.entity_id                  1 
_struct_ref.pdbx_seq_one_letter_code   PLVVAASIIGILHLILWILDRL 
_struct_ref.pdbx_align_begin           25 
# 
_struct_ref_seq.align_id                      1 
_struct_ref_seq.ref_id                        1 
_struct_ref_seq.pdbx_PDB_id_code              6MPL 
_struct_ref_seq.pdbx_strand_id                A 
_struct_ref_seq.seq_align_beg                 2 
_struct_ref_seq.pdbx_seq_align_beg_ins_code   ? 
_struct_ref_seq.seq_align_end                 23 
_struct_ref_seq.pdbx_seq_align_end_ins_code   ? 
_struct_ref_seq.pdbx_db_accession             O70632 
_struct_ref_seq.db_align_beg                  25 
_struct_ref_seq.pdbx_db_align_beg_ins_code    ? 
_struct_ref_seq.db_align_end                  46 
_struct_ref_seq.pdbx_db_align_end_ins_code    ? 
_struct_ref_seq.pdbx_auth_seq_align_beg       25 
_struct_ref_seq.pdbx_auth_seq_align_end       46 
# 
loop_
_struct_ref_seq_dif.align_id 
_struct_ref_seq_dif.pdbx_pdb_id_code 
_struct_ref_seq_dif.mon_id 
_struct_ref_seq_dif.pdbx_pdb_strand_id 
_struct_ref_seq_dif.seq_num 
_struct_ref_seq_dif.pdbx_pdb_ins_code 
_struct_ref_seq_dif.pdbx_seq_db_name 
_struct_ref_seq_dif.pdbx_seq_db_accession_code 
_struct_ref_seq_dif.db_mon_id 
_struct_ref_seq_dif.pdbx_seq_db_seq_num 
_struct_ref_seq_dif.details 
_struct_ref_seq_dif.pdbx_auth_seq_num 
_struct_ref_seq_dif.pdbx_ordinal 
1 6MPL ACE A 1  ? UNP O70632 ?   ?  acetylation           24 1 
1 6MPL ALA A 11 ? UNP O70632 GLY 34 'engineered mutation' 34 2 
1 6MPL ALA A 16 ? UNP O70632 ILE 39 'engineered mutation' 39 3 
1 6MPL NH2 A 24 ? UNP O70632 ?   ?  amidation             47 4 
# 
_pdbx_struct_assembly.id                   1 
_pdbx_struct_assembly.details              software_defined_assembly 
_pdbx_struct_assembly.method_details       PISA 
_pdbx_struct_assembly.oligomeric_details   monomeric 
_pdbx_struct_assembly.oligomeric_count     1 
# 
_pdbx_struct_assembly_gen.assembly_id       1 
_pdbx_struct_assembly_gen.oper_expression   1 
_pdbx_struct_assembly_gen.asym_id_list      A,B,C,D,E,F 
# 
_pdbx_struct_assembly_auth_evidence.id                     1 
_pdbx_struct_assembly_auth_evidence.assembly_id            1 
_pdbx_struct_assembly_auth_evidence.experimental_support   none 
_pdbx_struct_assembly_auth_evidence.details                ? 
# 
_pdbx_struct_oper_list.id                   1 
_pdbx_struct_oper_list.type                 'identity operation' 
_pdbx_struct_oper_list.name                 1_555 
_pdbx_struct_oper_list.symmetry_operation   x,y,z 
_pdbx_struct_oper_list.matrix[1][1]         1.0000000000 
_pdbx_struct_oper_list.matrix[1][2]         0.0000000000 
_pdbx_struct_oper_list.matrix[1][3]         0.0000000000 
_pdbx_struct_oper_list.vector[1]            0.0000000000 
_pdbx_struct_oper_list.matrix[2][1]         0.0000000000 
_pdbx_struct_oper_list.matrix[2][2]         1.0000000000 
_pdbx_struct_oper_list.matrix[2][3]         0.0000000000 
_pdbx_struct_oper_list.vector[2]            0.0000000000 
_pdbx_struct_oper_list.matrix[3][1]         0.0000000000 
_pdbx_struct_oper_list.matrix[3][2]         0.0000000000 
_pdbx_struct_oper_list.matrix[3][3]         1.0000000000 
_pdbx_struct_oper_list.vector[3]            0.0000000000 
# 
_struct_conf.conf_type_id            HELX_P 
_struct_conf.id                      HELX_P1 
_struct_conf.pdbx_PDB_helix_id       AA1 
_struct_conf.beg_label_comp_id       PRO 
_struct_conf.beg_label_asym_id       A 
_struct_conf.beg_label_seq_id        2 
_struct_conf.pdbx_beg_PDB_ins_code   ? 
_struct_conf.end_label_comp_id       LEU 
_struct_conf.end_label_asym_id       A 
_struct_conf.end_label_seq_id        23 
_struct_conf.pdbx_end_PDB_ins_code   ? 
_struct_conf.beg_auth_comp_id        PRO 
_struct_conf.beg_auth_asym_id        A 
_struct_conf.beg_auth_seq_id         25 
_struct_conf.end_auth_comp_id        LEU 
_struct_conf.end_auth_asym_id        A 
_struct_conf.end_auth_seq_id         46 
_struct_conf.pdbx_PDB_helix_class    1 
_struct_conf.details                 ? 
_struct_conf.pdbx_PDB_helix_length   22 
# 
_struct_conf_type.id          HELX_P 
_struct_conf_type.criteria    ? 
_struct_conf_type.reference   ? 
# 
loop_
_struct_conn.id 
_struct_conn.conn_type_id 
_struct_conn.pdbx_leaving_atom_flag 
_struct_conn.pdbx_PDB_id 
_struct_conn.ptnr1_label_asym_id 
_struct_conn.ptnr1_label_comp_id 
_struct_conn.ptnr1_label_seq_id 
_struct_conn.ptnr1_label_atom_id 
_struct_conn.pdbx_ptnr1_label_alt_id 
_struct_conn.pdbx_ptnr1_PDB_ins_code 
_struct_conn.pdbx_ptnr1_standard_comp_id 
_struct_conn.ptnr1_symmetry 
_struct_conn.ptnr2_label_asym_id 
_struct_conn.ptnr2_label_comp_id 
_struct_conn.ptnr2_label_seq_id 
_struct_conn.ptnr2_label_atom_id 
_struct_conn.pdbx_ptnr2_label_alt_id 
_struct_conn.pdbx_ptnr2_PDB_ins_code 
_struct_conn.ptnr1_auth_asym_id 
_struct_conn.ptnr1_auth_comp_id 
_struct_conn.ptnr1_auth_seq_id 
_struct_conn.ptnr2_auth_asym_id 
_struct_conn.ptnr2_auth_comp_id 
_struct_conn.ptnr2_auth_seq_id 
_struct_conn.ptnr2_symmetry 
_struct_conn.pdbx_ptnr3_label_atom_id 
_struct_conn.pdbx_ptnr3_label_seq_id 
_struct_conn.pdbx_ptnr3_label_comp_id 
_struct_conn.pdbx_ptnr3_label_asym_id 
_struct_conn.pdbx_ptnr3_label_alt_id 
_struct_conn.pdbx_ptnr3_PDB_ins_code 
_struct_conn.details 
_struct_conn.pdbx_dist_value 
_struct_conn.pdbx_value_order 
_struct_conn.pdbx_role 
covale1 covale both ? A ACE 1  C ? ? ? 1_555 A PRO 2  N ? ? A ACE 24 A PRO 25 1_555 ? ? ? ? ? ? ? 1.336 ? ? 
covale2 covale both ? A LEU 23 C ? ? ? 1_555 A NH2 24 N ? ? A LEU 46 A NH2 47 1_555 ? ? ? ? ? ? ? 1.329 ? ? 
# 
_struct_conn_type.id          covale 
_struct_conn_type.criteria    ? 
_struct_conn_type.reference   ? 
# 
loop_
_pdbx_modification_feature.ordinal 
_pdbx_modification_feature.label_comp_id 
_pdbx_modification_feature.label_asym_id 
_pdbx_modification_feature.label_seq_id 
_pdbx_modification_feature.label_alt_id 
_pdbx_modification_feature.modified_residue_label_comp_id 
_pdbx_modification_feature.modified_residue_label_asym_id 
_pdbx_modification_feature.modified_residue_label_seq_id 
_pdbx_modification_feature.modified_residue_label_alt_id 
_pdbx_modification_feature.auth_comp_id 
_pdbx_modification_feature.auth_asym_id 
_pdbx_modification_feature.auth_seq_id 
_pdbx_modification_feature.PDB_ins_code 
_pdbx_modification_feature.symmetry 
_pdbx_modification_feature.modified_residue_auth_comp_id 
_pdbx_modification_feature.modified_residue_auth_asym_id 
_pdbx_modification_feature.modified_residue_auth_seq_id 
_pdbx_modification_feature.modified_residue_PDB_ins_code 
_pdbx_modification_feature.modified_residue_symmetry 
_pdbx_modification_feature.comp_id_linking_atom 
_pdbx_modification_feature.modified_residue_id_linking_atom 
_pdbx_modification_feature.modified_residue_id 
_pdbx_modification_feature.ref_pcm_id 
_pdbx_modification_feature.ref_comp_id 
_pdbx_modification_feature.type 
_pdbx_modification_feature.category 
1 ACE A 1  ? PRO A 2  ? ACE A 24 ? 1_555 PRO A 25 ? 1_555 . . PRO 13 ACE None 'Terminal acetylation' 
2 NH2 A 24 ? LEU A 23 ? NH2 A 47 ? 1_555 LEU A 46 ? 1_555 . . LEU 14 NH2 None 'Terminal amidation'   
# 
_pdbx_entry_details.entry_id                   6MPL 
_pdbx_entry_details.compound_details           ? 
_pdbx_entry_details.source_details             ? 
_pdbx_entry_details.nonpolymer_details         ? 
_pdbx_entry_details.sequence_details           ? 
_pdbx_entry_details.has_ligand_of_interest     ? 
_pdbx_entry_details.has_protein_modification   Y 
# 
_pdbx_refine_tls.pdbx_refine_id   'X-RAY DIFFRACTION' 
_pdbx_refine_tls.id               1 
_pdbx_refine_tls.details          ? 
_pdbx_refine_tls.method           refined 
_pdbx_refine_tls.origin_x         -1.1522 
_pdbx_refine_tls.origin_y         -0.2059 
_pdbx_refine_tls.origin_z         -0.4887 
_pdbx_refine_tls.T[1][1]          0.2559 
_pdbx_refine_tls.T[2][2]          0.2589 
_pdbx_refine_tls.T[3][3]          0.1988 
_pdbx_refine_tls.T[1][2]          0.0399 
_pdbx_refine_tls.T[1][3]          0.0719 
_pdbx_refine_tls.T[2][3]          0.0361 
_pdbx_refine_tls.L[1][1]          13.6389 
_pdbx_refine_tls.L[2][2]          1.5753 
_pdbx_refine_tls.L[3][3]          0.5538 
_pdbx_refine_tls.L[1][2]          0.4039 
_pdbx_refine_tls.L[1][3]          0.7915 
_pdbx_refine_tls.L[2][3]          0.0831 
_pdbx_refine_tls.S[1][1]          0.2357 
_pdbx_refine_tls.S[2][2]          -0.1866 
_pdbx_refine_tls.S[3][3]          -0.0432 
_pdbx_refine_tls.S[1][2]          0.3418 
_pdbx_refine_tls.S[1][3]          0.2579 
_pdbx_refine_tls.S[2][3]          -0.0673 
_pdbx_refine_tls.S[2][1]          -0.2037 
_pdbx_refine_tls.S[3][1]          -0.0423 
_pdbx_refine_tls.S[3][2]          0.0374 
# 
_pdbx_refine_tls_group.pdbx_refine_id      'X-RAY DIFFRACTION' 
_pdbx_refine_tls_group.id                  1 
_pdbx_refine_tls_group.refine_tls_id       1 
_pdbx_refine_tls_group.beg_auth_asym_id    A 
_pdbx_refine_tls_group.beg_auth_seq_id     25 
_pdbx_refine_tls_group.end_auth_asym_id    A 
_pdbx_refine_tls_group.end_auth_seq_id     46 
_pdbx_refine_tls_group.selection_details   
;chain 'A' and (resid 25 through 46 )
;
_pdbx_refine_tls_group.beg_label_asym_id   ? 
_pdbx_refine_tls_group.beg_label_seq_id    ? 
_pdbx_refine_tls_group.end_label_asym_id   ? 
_pdbx_refine_tls_group.end_label_seq_id    ? 
_pdbx_refine_tls_group.selection           ? 
# 
_phasing.method   MR 
# 
loop_
_chem_comp_atom.comp_id 
_chem_comp_atom.atom_id 
_chem_comp_atom.type_symbol 
_chem_comp_atom.pdbx_aromatic_flag 
_chem_comp_atom.pdbx_stereo_config 
_chem_comp_atom.pdbx_ordinal 
ACE C      C N N 1   
ACE O      O N N 2   
ACE CH3    C N N 3   
ACE H      H N N 4   
ACE H1     H N N 5   
ACE H2     H N N 6   
ACE H3     H N N 7   
ALA N      N N N 8   
ALA CA     C N S 9   
ALA C      C N N 10  
ALA O      O N N 11  
ALA CB     C N N 12  
ALA OXT    O N N 13  
ALA H      H N N 14  
ALA H2     H N N 15  
ALA HA     H N N 16  
ALA HB1    H N N 17  
ALA HB2    H N N 18  
ALA HB3    H N N 19  
ALA HXT    H N N 20  
ARG N      N N N 21  
ARG CA     C N S 22  
ARG C      C N N 23  
ARG O      O N N 24  
ARG CB     C N N 25  
ARG CG     C N N 26  
ARG CD     C N N 27  
ARG NE     N N N 28  
ARG CZ     C N N 29  
ARG NH1    N N N 30  
ARG NH2    N N N 31  
ARG OXT    O N N 32  
ARG H      H N N 33  
ARG H2     H N N 34  
ARG HA     H N N 35  
ARG HB2    H N N 36  
ARG HB3    H N N 37  
ARG HG2    H N N 38  
ARG HG3    H N N 39  
ARG HD2    H N N 40  
ARG HD3    H N N 41  
ARG HE     H N N 42  
ARG HH11   H N N 43  
ARG HH12   H N N 44  
ARG HH21   H N N 45  
ARG HH22   H N N 46  
ARG HXT    H N N 47  
ASP N      N N N 48  
ASP CA     C N S 49  
ASP C      C N N 50  
ASP O      O N N 51  
ASP CB     C N N 52  
ASP CG     C N N 53  
ASP OD1    O N N 54  
ASP OD2    O N N 55  
ASP OXT    O N N 56  
ASP H      H N N 57  
ASP H2     H N N 58  
ASP HA     H N N 59  
ASP HB2    H N N 60  
ASP HB3    H N N 61  
ASP HD2    H N N 62  
ASP HXT    H N N 63  
BOG C1     C N R 64  
BOG O1     O N N 65  
BOG C2     C N R 66  
BOG O2     O N N 67  
BOG C3     C N S 68  
BOG O3     O N N 69  
BOG C4     C N S 70  
BOG O4     O N N 71  
BOG C5     C N R 72  
BOG O5     O N N 73  
BOG C6     C N N 74  
BOG O6     O N N 75  
BOG "C1'"  C N N 76  
BOG "C2'"  C N N 77  
BOG "C3'"  C N N 78  
BOG "C4'"  C N N 79  
BOG "C5'"  C N N 80  
BOG "C6'"  C N N 81  
BOG "C7'"  C N N 82  
BOG "C8'"  C N N 83  
BOG H1     H N N 84  
BOG H2     H N N 85  
BOG HO2    H N N 86  
BOG H3     H N N 87  
BOG HO3    H N N 88  
BOG H4     H N N 89  
BOG HO4    H N N 90  
BOG H5     H N N 91  
BOG H61    H N N 92  
BOG H62    H N N 93  
BOG HO6    H N N 94  
BOG "H1'1" H N N 95  
BOG "H1'2" H N N 96  
BOG "H2'1" H N N 97  
BOG "H2'2" H N N 98  
BOG "H3'1" H N N 99  
BOG "H3'2" H N N 100 
BOG "H4'1" H N N 101 
BOG "H4'2" H N N 102 
BOG "H5'1" H N N 103 
BOG "H5'2" H N N 104 
BOG "H6'1" H N N 105 
BOG "H6'2" H N N 106 
BOG "H7'1" H N N 107 
BOG "H7'2" H N N 108 
BOG "H8'1" H N N 109 
BOG "H8'2" H N N 110 
BOG "H8'3" H N N 111 
GLY N      N N N 112 
GLY CA     C N N 113 
GLY C      C N N 114 
GLY O      O N N 115 
GLY OXT    O N N 116 
GLY H      H N N 117 
GLY H2     H N N 118 
GLY HA2    H N N 119 
GLY HA3    H N N 120 
GLY HXT    H N N 121 
HIS N      N N N 122 
HIS CA     C N S 123 
HIS C      C N N 124 
HIS O      O N N 125 
HIS CB     C N N 126 
HIS CG     C Y N 127 
HIS ND1    N Y N 128 
HIS CD2    C Y N 129 
HIS CE1    C Y N 130 
HIS NE2    N Y N 131 
HIS OXT    O N N 132 
HIS H      H N N 133 
HIS H2     H N N 134 
HIS HA     H N N 135 
HIS HB2    H N N 136 
HIS HB3    H N N 137 
HIS HD1    H N N 138 
HIS HD2    H N N 139 
HIS HE1    H N N 140 
HIS HE2    H N N 141 
HIS HXT    H N N 142 
HOH O      O N N 143 
HOH H1     H N N 144 
HOH H2     H N N 145 
ILE N      N N N 146 
ILE CA     C N S 147 
ILE C      C N N 148 
ILE O      O N N 149 
ILE CB     C N S 150 
ILE CG1    C N N 151 
ILE CG2    C N N 152 
ILE CD1    C N N 153 
ILE OXT    O N N 154 
ILE H      H N N 155 
ILE H2     H N N 156 
ILE HA     H N N 157 
ILE HB     H N N 158 
ILE HG12   H N N 159 
ILE HG13   H N N 160 
ILE HG21   H N N 161 
ILE HG22   H N N 162 
ILE HG23   H N N 163 
ILE HD11   H N N 164 
ILE HD12   H N N 165 
ILE HD13   H N N 166 
ILE HXT    H N N 167 
LEU N      N N N 168 
LEU CA     C N S 169 
LEU C      C N N 170 
LEU O      O N N 171 
LEU CB     C N N 172 
LEU CG     C N N 173 
LEU CD1    C N N 174 
LEU CD2    C N N 175 
LEU OXT    O N N 176 
LEU H      H N N 177 
LEU H2     H N N 178 
LEU HA     H N N 179 
LEU HB2    H N N 180 
LEU HB3    H N N 181 
LEU HG     H N N 182 
LEU HD11   H N N 183 
LEU HD12   H N N 184 
LEU HD13   H N N 185 
LEU HD21   H N N 186 
LEU HD22   H N N 187 
LEU HD23   H N N 188 
LEU HXT    H N N 189 
MPD C1     C N N 190 
MPD C2     C N N 191 
MPD O2     O N N 192 
MPD CM     C N N 193 
MPD C3     C N N 194 
MPD C4     C N S 195 
MPD O4     O N N 196 
MPD C5     C N N 197 
MPD H11    H N N 198 
MPD H12    H N N 199 
MPD H13    H N N 200 
MPD HO2    H N N 201 
MPD HM1    H N N 202 
MPD HM2    H N N 203 
MPD HM3    H N N 204 
MPD H31    H N N 205 
MPD H32    H N N 206 
MPD H4     H N N 207 
MPD HO4    H N N 208 
MPD H51    H N N 209 
MPD H52    H N N 210 
MPD H53    H N N 211 
NH2 N      N N N 212 
NH2 HN1    H N N 213 
NH2 HN2    H N N 214 
PRO N      N N N 215 
PRO CA     C N S 216 
PRO C      C N N 217 
PRO O      O N N 218 
PRO CB     C N N 219 
PRO CG     C N N 220 
PRO CD     C N N 221 
PRO OXT    O N N 222 
PRO H      H N N 223 
PRO HA     H N N 224 
PRO HB2    H N N 225 
PRO HB3    H N N 226 
PRO HG2    H N N 227 
PRO HG3    H N N 228 
PRO HD2    H N N 229 
PRO HD3    H N N 230 
PRO HXT    H N N 231 
SER N      N N N 232 
SER CA     C N S 233 
SER C      C N N 234 
SER O      O N N 235 
SER CB     C N N 236 
SER OG     O N N 237 
SER OXT    O N N 238 
SER H      H N N 239 
SER H2     H N N 240 
SER HA     H N N 241 
SER HB2    H N N 242 
SER HB3    H N N 243 
SER HG     H N N 244 
SER HXT    H N N 245 
TRP N      N N N 246 
TRP CA     C N S 247 
TRP C      C N N 248 
TRP O      O N N 249 
TRP CB     C N N 250 
TRP CG     C Y N 251 
TRP CD1    C Y N 252 
TRP CD2    C Y N 253 
TRP NE1    N Y N 254 
TRP CE2    C Y N 255 
TRP CE3    C Y N 256 
TRP CZ2    C Y N 257 
TRP CZ3    C Y N 258 
TRP CH2    C Y N 259 
TRP OXT    O N N 260 
TRP H      H N N 261 
TRP H2     H N N 262 
TRP HA     H N N 263 
TRP HB2    H N N 264 
TRP HB3    H N N 265 
TRP HD1    H N N 266 
TRP HE1    H N N 267 
TRP HE3    H N N 268 
TRP HZ2    H N N 269 
TRP HZ3    H N N 270 
TRP HH2    H N N 271 
TRP HXT    H N N 272 
VAL N      N N N 273 
VAL CA     C N S 274 
VAL C      C N N 275 
VAL O      O N N 276 
VAL CB     C N N 277 
VAL CG1    C N N 278 
VAL CG2    C N N 279 
VAL OXT    O N N 280 
VAL H      H N N 281 
VAL H2     H N N 282 
VAL HA     H N N 283 
VAL HB     H N N 284 
VAL HG11   H N N 285 
VAL HG12   H N N 286 
VAL HG13   H N N 287 
VAL HG21   H N N 288 
VAL HG22   H N N 289 
VAL HG23   H N N 290 
VAL HXT    H N N 291 
# 
loop_
_chem_comp_bond.comp_id 
_chem_comp_bond.atom_id_1 
_chem_comp_bond.atom_id_2 
_chem_comp_bond.value_order 
_chem_comp_bond.pdbx_aromatic_flag 
_chem_comp_bond.pdbx_stereo_config 
_chem_comp_bond.pdbx_ordinal 
ACE C     O      doub N N 1   
ACE C     CH3    sing N N 2   
ACE C     H      sing N N 3   
ACE CH3   H1     sing N N 4   
ACE CH3   H2     sing N N 5   
ACE CH3   H3     sing N N 6   
ALA N     CA     sing N N 7   
ALA N     H      sing N N 8   
ALA N     H2     sing N N 9   
ALA CA    C      sing N N 10  
ALA CA    CB     sing N N 11  
ALA CA    HA     sing N N 12  
ALA C     O      doub N N 13  
ALA C     OXT    sing N N 14  
ALA CB    HB1    sing N N 15  
ALA CB    HB2    sing N N 16  
ALA CB    HB3    sing N N 17  
ALA OXT   HXT    sing N N 18  
ARG N     CA     sing N N 19  
ARG N     H      sing N N 20  
ARG N     H2     sing N N 21  
ARG CA    C      sing N N 22  
ARG CA    CB     sing N N 23  
ARG CA    HA     sing N N 24  
ARG C     O      doub N N 25  
ARG C     OXT    sing N N 26  
ARG CB    CG     sing N N 27  
ARG CB    HB2    sing N N 28  
ARG CB    HB3    sing N N 29  
ARG CG    CD     sing N N 30  
ARG CG    HG2    sing N N 31  
ARG CG    HG3    sing N N 32  
ARG CD    NE     sing N N 33  
ARG CD    HD2    sing N N 34  
ARG CD    HD3    sing N N 35  
ARG NE    CZ     sing N N 36  
ARG NE    HE     sing N N 37  
ARG CZ    NH1    sing N N 38  
ARG CZ    NH2    doub N N 39  
ARG NH1   HH11   sing N N 40  
ARG NH1   HH12   sing N N 41  
ARG NH2   HH21   sing N N 42  
ARG NH2   HH22   sing N N 43  
ARG OXT   HXT    sing N N 44  
ASP N     CA     sing N N 45  
ASP N     H      sing N N 46  
ASP N     H2     sing N N 47  
ASP CA    C      sing N N 48  
ASP CA    CB     sing N N 49  
ASP CA    HA     sing N N 50  
ASP C     O      doub N N 51  
ASP C     OXT    sing N N 52  
ASP CB    CG     sing N N 53  
ASP CB    HB2    sing N N 54  
ASP CB    HB3    sing N N 55  
ASP CG    OD1    doub N N 56  
ASP CG    OD2    sing N N 57  
ASP OD2   HD2    sing N N 58  
ASP OXT   HXT    sing N N 59  
BOG C1    O1     sing N N 60  
BOG C1    C2     sing N N 61  
BOG C1    O5     sing N N 62  
BOG C1    H1     sing N N 63  
BOG O1    "C1'"  sing N N 64  
BOG C2    O2     sing N N 65  
BOG C2    C3     sing N N 66  
BOG C2    H2     sing N N 67  
BOG O2    HO2    sing N N 68  
BOG C3    O3     sing N N 69  
BOG C3    C4     sing N N 70  
BOG C3    H3     sing N N 71  
BOG O3    HO3    sing N N 72  
BOG C4    O4     sing N N 73  
BOG C4    C5     sing N N 74  
BOG C4    H4     sing N N 75  
BOG O4    HO4    sing N N 76  
BOG C5    O5     sing N N 77  
BOG C5    C6     sing N N 78  
BOG C5    H5     sing N N 79  
BOG C6    O6     sing N N 80  
BOG C6    H61    sing N N 81  
BOG C6    H62    sing N N 82  
BOG O6    HO6    sing N N 83  
BOG "C1'" "C2'"  sing N N 84  
BOG "C1'" "H1'1" sing N N 85  
BOG "C1'" "H1'2" sing N N 86  
BOG "C2'" "C3'"  sing N N 87  
BOG "C2'" "H2'1" sing N N 88  
BOG "C2'" "H2'2" sing N N 89  
BOG "C3'" "C4'"  sing N N 90  
BOG "C3'" "H3'1" sing N N 91  
BOG "C3'" "H3'2" sing N N 92  
BOG "C4'" "C5'"  sing N N 93  
BOG "C4'" "H4'1" sing N N 94  
BOG "C4'" "H4'2" sing N N 95  
BOG "C5'" "C6'"  sing N N 96  
BOG "C5'" "H5'1" sing N N 97  
BOG "C5'" "H5'2" sing N N 98  
BOG "C6'" "C7'"  sing N N 99  
BOG "C6'" "H6'1" sing N N 100 
BOG "C6'" "H6'2" sing N N 101 
BOG "C7'" "C8'"  sing N N 102 
BOG "C7'" "H7'1" sing N N 103 
BOG "C7'" "H7'2" sing N N 104 
BOG "C8'" "H8'1" sing N N 105 
BOG "C8'" "H8'2" sing N N 106 
BOG "C8'" "H8'3" sing N N 107 
GLY N     CA     sing N N 108 
GLY N     H      sing N N 109 
GLY N     H2     sing N N 110 
GLY CA    C      sing N N 111 
GLY CA    HA2    sing N N 112 
GLY CA    HA3    sing N N 113 
GLY C     O      doub N N 114 
GLY C     OXT    sing N N 115 
GLY OXT   HXT    sing N N 116 
HIS N     CA     sing N N 117 
HIS N     H      sing N N 118 
HIS N     H2     sing N N 119 
HIS CA    C      sing N N 120 
HIS CA    CB     sing N N 121 
HIS CA    HA     sing N N 122 
HIS C     O      doub N N 123 
HIS C     OXT    sing N N 124 
HIS CB    CG     sing N N 125 
HIS CB    HB2    sing N N 126 
HIS CB    HB3    sing N N 127 
HIS CG    ND1    sing Y N 128 
HIS CG    CD2    doub Y N 129 
HIS ND1   CE1    doub Y N 130 
HIS ND1   HD1    sing N N 131 
HIS CD2   NE2    sing Y N 132 
HIS CD2   HD2    sing N N 133 
HIS CE1   NE2    sing Y N 134 
HIS CE1   HE1    sing N N 135 
HIS NE2   HE2    sing N N 136 
HIS OXT   HXT    sing N N 137 
HOH O     H1     sing N N 138 
HOH O     H2     sing N N 139 
ILE N     CA     sing N N 140 
ILE N     H      sing N N 141 
ILE N     H2     sing N N 142 
ILE CA    C      sing N N 143 
ILE CA    CB     sing N N 144 
ILE CA    HA     sing N N 145 
ILE C     O      doub N N 146 
ILE C     OXT    sing N N 147 
ILE CB    CG1    sing N N 148 
ILE CB    CG2    sing N N 149 
ILE CB    HB     sing N N 150 
ILE CG1   CD1    sing N N 151 
ILE CG1   HG12   sing N N 152 
ILE CG1   HG13   sing N N 153 
ILE CG2   HG21   sing N N 154 
ILE CG2   HG22   sing N N 155 
ILE CG2   HG23   sing N N 156 
ILE CD1   HD11   sing N N 157 
ILE CD1   HD12   sing N N 158 
ILE CD1   HD13   sing N N 159 
ILE OXT   HXT    sing N N 160 
LEU N     CA     sing N N 161 
LEU N     H      sing N N 162 
LEU N     H2     sing N N 163 
LEU CA    C      sing N N 164 
LEU CA    CB     sing N N 165 
LEU CA    HA     sing N N 166 
LEU C     O      doub N N 167 
LEU C     OXT    sing N N 168 
LEU CB    CG     sing N N 169 
LEU CB    HB2    sing N N 170 
LEU CB    HB3    sing N N 171 
LEU CG    CD1    sing N N 172 
LEU CG    CD2    sing N N 173 
LEU CG    HG     sing N N 174 
LEU CD1   HD11   sing N N 175 
LEU CD1   HD12   sing N N 176 
LEU CD1   HD13   sing N N 177 
LEU CD2   HD21   sing N N 178 
LEU CD2   HD22   sing N N 179 
LEU CD2   HD23   sing N N 180 
LEU OXT   HXT    sing N N 181 
MPD C1    C2     sing N N 182 
MPD C1    H11    sing N N 183 
MPD C1    H12    sing N N 184 
MPD C1    H13    sing N N 185 
MPD C2    O2     sing N N 186 
MPD C2    CM     sing N N 187 
MPD C2    C3     sing N N 188 
MPD O2    HO2    sing N N 189 
MPD CM    HM1    sing N N 190 
MPD CM    HM2    sing N N 191 
MPD CM    HM3    sing N N 192 
MPD C3    C4     sing N N 193 
MPD C3    H31    sing N N 194 
MPD C3    H32    sing N N 195 
MPD C4    O4     sing N N 196 
MPD C4    C5     sing N N 197 
MPD C4    H4     sing N N 198 
MPD O4    HO4    sing N N 199 
MPD C5    H51    sing N N 200 
MPD C5    H52    sing N N 201 
MPD C5    H53    sing N N 202 
NH2 N     HN1    sing N N 203 
NH2 N     HN2    sing N N 204 
PRO N     CA     sing N N 205 
PRO N     CD     sing N N 206 
PRO N     H      sing N N 207 
PRO CA    C      sing N N 208 
PRO CA    CB     sing N N 209 
PRO CA    HA     sing N N 210 
PRO C     O      doub N N 211 
PRO C     OXT    sing N N 212 
PRO CB    CG     sing N N 213 
PRO CB    HB2    sing N N 214 
PRO CB    HB3    sing N N 215 
PRO CG    CD     sing N N 216 
PRO CG    HG2    sing N N 217 
PRO CG    HG3    sing N N 218 
PRO CD    HD2    sing N N 219 
PRO CD    HD3    sing N N 220 
PRO OXT   HXT    sing N N 221 
SER N     CA     sing N N 222 
SER N     H      sing N N 223 
SER N     H2     sing N N 224 
SER CA    C      sing N N 225 
SER CA    CB     sing N N 226 
SER CA    HA     sing N N 227 
SER C     O      doub N N 228 
SER C     OXT    sing N N 229 
SER CB    OG     sing N N 230 
SER CB    HB2    sing N N 231 
SER CB    HB3    sing N N 232 
SER OG    HG     sing N N 233 
SER OXT   HXT    sing N N 234 
TRP N     CA     sing N N 235 
TRP N     H      sing N N 236 
TRP N     H2     sing N N 237 
TRP CA    C      sing N N 238 
TRP CA    CB     sing N N 239 
TRP CA    HA     sing N N 240 
TRP C     O      doub N N 241 
TRP C     OXT    sing N N 242 
TRP CB    CG     sing N N 243 
TRP CB    HB2    sing N N 244 
TRP CB    HB3    sing N N 245 
TRP CG    CD1    doub Y N 246 
TRP CG    CD2    sing Y N 247 
TRP CD1   NE1    sing Y N 248 
TRP CD1   HD1    sing N N 249 
TRP CD2   CE2    doub Y N 250 
TRP CD2   CE3    sing Y N 251 
TRP NE1   CE2    sing Y N 252 
TRP NE1   HE1    sing N N 253 
TRP CE2   CZ2    sing Y N 254 
TRP CE3   CZ3    doub Y N 255 
TRP CE3   HE3    sing N N 256 
TRP CZ2   CH2    doub Y N 257 
TRP CZ2   HZ2    sing N N 258 
TRP CZ3   CH2    sing Y N 259 
TRP CZ3   HZ3    sing N N 260 
TRP CH2   HH2    sing N N 261 
TRP OXT   HXT    sing N N 262 
VAL N     CA     sing N N 263 
VAL N     H      sing N N 264 
VAL N     H2     sing N N 265 
VAL CA    C      sing N N 266 
VAL CA    CB     sing N N 267 
VAL CA    HA     sing N N 268 
VAL C     O      doub N N 269 
VAL C     OXT    sing N N 270 
VAL CB    CG1    sing N N 271 
VAL CB    CG2    sing N N 272 
VAL CB    HB     sing N N 273 
VAL CG1   HG11   sing N N 274 
VAL CG1   HG12   sing N N 275 
VAL CG1   HG13   sing N N 276 
VAL CG2   HG21   sing N N 277 
VAL CG2   HG22   sing N N 278 
VAL CG2   HG23   sing N N 279 
VAL OXT   HXT    sing N N 280 
# 
loop_
_pdbx_audit_support.funding_organization 
_pdbx_audit_support.country 
_pdbx_audit_support.grant_number 
_pdbx_audit_support.ordinal 
'National Institutes of Health/National Institute of General Medical Sciences (NIH/NIGMS)' 'United States' R01GM061238 1 
'National Institutes of Health/National Institute of General Medical Sciences (NIH/NIGMS)' 'United States' T32GM00839  2 
'National Institutes of Health/National Institute of General Medical Sciences (NIH/NIGMS)' 'United States' T32GM08293  3 
# 
_pdbx_initial_refinement_model.id               1 
_pdbx_initial_refinement_model.entity_id_list   ? 
_pdbx_initial_refinement_model.type             'experimental model' 
_pdbx_initial_refinement_model.source_name      PDB 
_pdbx_initial_refinement_model.accession_code   4RWC 
_pdbx_initial_refinement_model.details          ? 
# 
_atom_sites.entry_id                    6MPL 
_atom_sites.fract_transf_matrix[1][1]   -0.01785345 
_atom_sites.fract_transf_matrix[1][2]   0.05924587 
_atom_sites.fract_transf_matrix[1][3]   -0.00375715 
_atom_sites.fract_transf_matrix[2][1]   -0.03831105 
_atom_sites.fract_transf_matrix[2][2]   0.01079374 
_atom_sites.fract_transf_matrix[2][3]   0.04008456 
_atom_sites.fract_transf_matrix[3][1]   0.01831920 
_atom_sites.fract_transf_matrix[3][2]   0.00745560 
_atom_sites.fract_transf_matrix[3][3]   0.01852211 
_atom_sites.fract_transf_vector[1]      0.402588 
_atom_sites.fract_transf_vector[2]      0.335354 
_atom_sites.fract_transf_vector[3]      0.389880 
# 
loop_
_atom_type.symbol 
C 
H 
N 
O 
# 
loop_
_atom_site.group_PDB 
_atom_site.id 
_atom_site.type_symbol 
_atom_site.label_atom_id 
_atom_site.label_alt_id 
_atom_site.label_comp_id 
_atom_site.label_asym_id 
_atom_site.label_entity_id 
_atom_site.label_seq_id 
_atom_site.pdbx_PDB_ins_code 
_atom_site.Cartn_x 
_atom_site.Cartn_y 
_atom_site.Cartn_z 
_atom_site.occupancy 
_atom_site.B_iso_or_equiv 
_atom_site.pdbx_formal_charge 
_atom_site.auth_seq_id 
_atom_site.auth_comp_id 
_atom_site.auth_asym_id 
_atom_site.auth_atom_id 
_atom_site.pdbx_PDB_model_num 
HETATM 1   C C      . ACE A 1 1  ? 15.500  -0.564 4.220  1.00 27.58  ? 24  ACE A C      1 
HETATM 2   O O      . ACE A 1 1  ? 14.288  -0.745 4.253  1.00 29.79  ? 24  ACE A O      1 
HETATM 3   C CH3    . ACE A 1 1  ? 16.458  -1.526 4.842  1.00 30.96  ? 24  ACE A CH3    1 
ATOM   4   N N      . PRO A 1 2  ? 16.208  0.311  3.500  1.00 25.52  ? 25  PRO A N      1 
ATOM   5   C CA     . PRO A 1 2  ? 15.373  1.259  2.761  1.00 26.22  ? 25  PRO A CA     1 
ATOM   6   C C      . PRO A 1 2  ? 14.481  0.613  1.700  1.00 23.95  ? 25  PRO A C      1 
ATOM   7   O O      . PRO A 1 2  ? 13.383  1.148  1.478  1.00 23.72  ? 25  PRO A O      1 
ATOM   8   C CB     . PRO A 1 2  ? 16.404  2.233  2.147  1.00 26.57  ? 25  PRO A CB     1 
ATOM   9   C CG     . PRO A 1 2  ? 17.689  1.515  2.148  1.00 27.97  ? 25  PRO A CG     1 
ATOM   10  C CD     . PRO A 1 2  ? 17.638  0.654  3.389  1.00 26.05  ? 25  PRO A CD     1 
ATOM   11  H HA     . PRO A 1 2  ? 14.812  1.751  3.380  1.00 31.42  ? 25  PRO A HA     1 
ATOM   12  H HB2    . PRO A 1 2  ? 16.139  2.466  1.243  1.00 31.85  ? 25  PRO A HB2    1 
ATOM   13  H HB3    . PRO A 1 2  ? 16.471  3.024  2.701  1.00 31.85  ? 25  PRO A HB3    1 
ATOM   14  H HG2    . PRO A 1 2  ? 17.759  0.967  1.351  1.00 33.51  ? 25  PRO A HG2    1 
ATOM   15  H HG3    . PRO A 1 2  ? 18.420  2.150  2.197  1.00 33.51  ? 25  PRO A HG3    1 
ATOM   16  H HD2    . PRO A 1 2  ? 18.172  -0.145 3.266  1.00 31.22  ? 25  PRO A HD2    1 
ATOM   17  H HD3    . PRO A 1 2  ? 17.923  1.160  4.166  1.00 31.22  ? 25  PRO A HD3    1 
ATOM   18  N N      . LEU A 1 3  ? 14.916  -0.476 1.054  1.00 25.44  ? 26  LEU A N      1 
ATOM   19  C CA     . LEU A 1 3  ? 14.029  -1.158 0.120  1.00 25.96  ? 26  LEU A CA     1 
ATOM   20  C C      . LEU A 1 3  ? 12.859  -1.815 0.840  1.00 23.01  ? 26  LEU A C      1 
ATOM   21  O O      . LEU A 1 3  ? 11.756  -1.891 0.288  1.00 23.23  ? 26  LEU A O      1 
ATOM   22  C CB     . LEU A 1 3  ? 14.814  -2.175 -0.702 1.00 25.74  ? 26  LEU A CB     1 
ATOM   23  C CG     . LEU A 1 3  ? 15.923  -1.618 -1.582 1.00 33.32  ? 26  LEU A CG     1 
ATOM   24  C CD1    . LEU A 1 3  ? 16.761  -2.780 -2.092 1.00 34.60  ? 26  LEU A CD1    1 
ATOM   25  C CD2    . LEU A 1 3  ? 15.291  -0.792 -2.697 1.00 38.19  ? 26  LEU A CD2    1 
ATOM   26  H H      . LEU A 1 3  ? 15.698  -0.827 1.137  1.00 30.48  ? 26  LEU A H      1 
ATOM   27  H HA     . LEU A 1 3  ? 13.661  -0.503 -0.493 1.00 31.10  ? 26  LEU A HA     1 
ATOM   28  H HB2    . LEU A 1 3  ? 15.222  -2.808 -0.092 1.00 30.85  ? 26  LEU A HB2    1 
ATOM   29  H HB3    . LEU A 1 3  ? 14.192  -2.643 -1.281 1.00 30.85  ? 26  LEU A HB3    1 
ATOM   30  H HG     . LEU A 1 3  ? 16.492  -1.037 -1.054 1.00 39.94  ? 26  LEU A HG     1 
ATOM   31  H HD11   . LEU A 1 3  ? 17.460  -2.434 -2.670 1.00 41.48  ? 26  LEU A HD11   1 
ATOM   32  H HD12   . LEU A 1 3  ? 17.155  -3.240 -1.336 1.00 41.48  ? 26  LEU A HD12   1 
ATOM   33  H HD13   . LEU A 1 3  ? 16.191  -3.386 -2.589 1.00 41.48  ? 26  LEU A HD13   1 
ATOM   34  H HD21   . LEU A 1 3  ? 15.978  -0.547 -3.336 1.00 45.78  ? 26  LEU A HD21   1 
ATOM   35  H HD22   . LEU A 1 3  ? 14.606  -1.322 -3.134 1.00 45.78  ? 26  LEU A HD22   1 
ATOM   36  H HD23   . LEU A 1 3  ? 14.898  0.005  -2.312 1.00 45.78  ? 26  LEU A HD23   1 
ATOM   37  N N      . VAL A 1 4  ? 13.102  -2.352 2.040  1.00 23.03  ? 27  VAL A N      1 
ATOM   38  C CA     . VAL A 1 4  ? 12.020  -2.908 2.854  1.00 23.53  ? 27  VAL A CA     1 
ATOM   39  C C      . VAL A 1 4  ? 10.985  -1.831 3.154  1.00 23.80  ? 27  VAL A C      1 
ATOM   40  O O      . VAL A 1 4  ? 9.778   -2.044 3.007  1.00 25.41  ? 27  VAL A O      1 
ATOM   41  C CB     . VAL A 1 4  ? 12.583  -3.515 4.148  1.00 23.68  ? 27  VAL A CB     1 
ATOM   42  C CG1    . VAL A 1 4  ? 11.434  -3.939 5.073  1.00 29.26  ? 27  VAL A CG1    1 
ATOM   43  C CG2    . VAL A 1 4  ? 13.499  -4.708 3.851  1.00 27.77  ? 27  VAL A CG2    1 
ATOM   44  H H      . VAL A 1 4  ? 13.880  -2.406 2.402  1.00 27.60  ? 27  VAL A H      1 
ATOM   45  H HA     . VAL A 1 4  ? 11.580  -3.616 2.356  1.00 28.19  ? 27  VAL A HA     1 
ATOM   46  H HB     . VAL A 1 4  ? 13.107  -2.844 4.611  1.00 28.38  ? 27  VAL A HB     1 
ATOM   47  H HG11   . VAL A 1 4  ? 11.780  -4.550 5.743  1.00 35.07  ? 27  VAL A HG11   1 
ATOM   48  H HG12   . VAL A 1 4  ? 11.064  -3.153 5.504  1.00 35.07  ? 27  VAL A HG12   1 
ATOM   49  H HG13   . VAL A 1 4  ? 10.751  -4.383 4.546  1.00 35.07  ? 27  VAL A HG13   1 
ATOM   50  H HG21   . VAL A 1 4  ? 13.959  -4.962 4.665  1.00 33.28  ? 27  VAL A HG21   1 
ATOM   51  H HG22   . VAL A 1 4  ? 12.958  -5.448 3.533  1.00 33.28  ? 27  VAL A HG22   1 
ATOM   52  H HG23   . VAL A 1 4  ? 14.145  -4.452 3.173  1.00 33.28  ? 27  VAL A HG23   1 
ATOM   53  N N      . VAL A 1 5  ? 11.444  -0.652 3.573  1.00 22.81  ? 28  VAL A N      1 
ATOM   54  C CA     . VAL A 1 5  ? 10.512  0.431  3.888  1.00 23.17  ? 28  VAL A CA     1 
ATOM   55  C C      . VAL A 1 5  ? 9.745   0.853  2.636  1.00 22.11  ? 28  VAL A C      1 
ATOM   56  O O      . VAL A 1 5  ? 8.517   1.013  2.664  1.00 23.43  ? 28  VAL A O      1 
ATOM   57  C CB     . VAL A 1 5  ? 11.271  1.609  4.523  1.00 25.16  ? 28  VAL A CB     1 
ATOM   58  C CG1    . VAL A 1 5  ? 10.335  2.791  4.742  1.00 27.94  ? 28  VAL A CG1    1 
ATOM   59  C CG2    . VAL A 1 5  ? 11.884  1.183  5.858  1.00 27.58  ? 28  VAL A CG2    1 
ATOM   60  H H      . VAL A 1 5  ? 12.274  -0.456 3.683  1.00 27.33  ? 28  VAL A H      1 
ATOM   61  H HA     . VAL A 1 5  ? 9.866   0.111  4.537  1.00 27.76  ? 28  VAL A HA     1 
ATOM   62  H HB     . VAL A 1 5  ? 11.988  1.889  3.932  1.00 30.15  ? 28  VAL A HB     1 
ATOM   63  H HG11   . VAL A 1 5  ? 10.768  3.429  5.330  1.00 33.48  ? 28  VAL A HG11   1 
ATOM   64  H HG12   . VAL A 1 5  ? 10.143  3.208  3.888  1.00 33.48  ? 28  VAL A HG12   1 
ATOM   65  H HG13   . VAL A 1 5  ? 9.514   2.472  5.149  1.00 33.48  ? 28  VAL A HG13   1 
ATOM   66  H HG21   . VAL A 1 5  ? 12.335  1.944  6.255  1.00 33.06  ? 28  VAL A HG21   1 
ATOM   67  H HG22   . VAL A 1 5  ? 11.176  0.875  6.445  1.00 33.06  ? 28  VAL A HG22   1 
ATOM   68  H HG23   . VAL A 1 5  ? 12.519  0.467  5.701  1.00 33.06  ? 28  VAL A HG23   1 
ATOM   69  N N      . ALA A 1 6  ? 10.451  1.030  1.517  1.00 22.56  ? 29  ALA A N      1 
ATOM   70  C CA     . ALA A 1 6  ? 9.776   1.481  0.307  1.00 25.69  ? 29  ALA A CA     1 
ATOM   71  C C      . ALA A 1 6  ? 8.728   0.470  -0.146 1.00 21.67  ? 29  ALA A C      1 
ATOM   72  O O      . ALA A 1 6  ? 7.604   0.841  -0.491 1.00 23.51  ? 29  ALA A O      1 
ATOM   73  C CB     . ALA A 1 6  ? 10.804  1.722  -0.796 1.00 24.70  ? 29  ALA A CB     1 
ATOM   74  H H      . ALA A 1 6  ? 11.297  0.899  1.435  1.00 27.03  ? 29  ALA A H      1 
ATOM   75  H HA     . ALA A 1 6  ? 9.327   2.321  0.488  1.00 30.79  ? 29  ALA A HA     1 
ATOM   76  H HB1    . ALA A 1 6  ? 10.343  2.022  -1.595 1.00 29.60  ? 29  ALA A HB1    1 
ATOM   77  H HB2    . ALA A 1 6  ? 11.430  2.401  -0.499 1.00 29.60  ? 29  ALA A HB2    1 
ATOM   78  H HB3    . ALA A 1 6  ? 11.274  0.892  -0.975 1.00 29.60  ? 29  ALA A HB3    1 
ATOM   79  N N      . ALA A 1 7  ? 9.089   -0.820 -0.163 1.00 21.97  ? 30  ALA A N      1 
ATOM   80  C CA     . ALA A 1 7  ? 8.136   -1.858 -0.557 1.00 21.71  ? 30  ALA A CA     1 
ATOM   81  C C      . ALA A 1 7  ? 6.933   -1.918 0.378  1.00 23.19  ? 30  ALA A C      1 
ATOM   82  O O      . ALA A 1 7  ? 5.799   -2.092 -0.083 1.00 22.90  ? 30  ALA A O      1 
ATOM   83  C CB     . ALA A 1 7  ? 8.830   -3.221 -0.605 1.00 26.89  ? 30  ALA A CB     1 
ATOM   84  H H      . ALA A 1 7  ? 9.869   -1.113 0.047  1.00 26.32  ? 30  ALA A H      1 
ATOM   85  H HA     . ALA A 1 7  ? 7.809   -1.660 -1.449 1.00 26.01  ? 30  ALA A HA     1 
ATOM   86  H HB1    . ALA A 1 7  ? 8.183   -3.895 -0.867 1.00 32.23  ? 30  ALA A HB1    1 
ATOM   87  H HB2    . ALA A 1 7  ? 9.551   -3.185 -1.251 1.00 32.23  ? 30  ALA A HB2    1 
ATOM   88  H HB3    . ALA A 1 7  ? 9.183   -3.427 0.275  1.00 32.23  ? 30  ALA A HB3    1 
ATOM   89  N N      . SER A 1 8  ? 7.150   -1.749 1.688  1.00 23.74  ? 31  SER A N      1 
ATOM   90  C CA     A SER A 1 8  ? 6.042   -1.807 2.634  0.49 20.96  ? 31  SER A CA     1 
ATOM   91  C CA     B SER A 1 8  ? 6.036   -1.811 2.630  0.51 22.47  ? 31  SER A CA     1 
ATOM   92  C C      . SER A 1 8  ? 5.083   -0.641 2.434  1.00 24.65  ? 31  SER A C      1 
ATOM   93  O O      . SER A 1 8  ? 3.861   -0.810 2.536  1.00 22.37  ? 31  SER A O      1 
ATOM   94  C CB     A SER A 1 8  ? 6.564   -1.796 4.063  0.49 23.69  ? 31  SER A CB     1 
ATOM   95  C CB     B SER A 1 8  ? 6.526   -1.836 4.073  0.51 25.15  ? 31  SER A CB     1 
ATOM   96  O OG     A SER A 1 8  ? 7.464   -2.872 4.277  0.49 21.20  ? 31  SER A OG     1 
ATOM   97  O OG     B SER A 1 8  ? 7.252   -0.681 4.430  0.51 28.47  ? 31  SER A OG     1 
ATOM   98  H H      . SER A 1 8  ? 7.917   -1.601 2.049  1.00 28.45  ? 31  SER A H      1 
ATOM   99  H HA     . SER A 1 8  ? 5.544   -2.630 2.484  1.00 26.92  ? 31  SER A HA     1 
ATOM   100 H HB2    A SER A 1 8  ? 7.028   -0.959 4.223  0.49 28.39  ? 31  SER A HB2    1 
ATOM   101 H HB2    B SER A 1 8  ? 5.756   -1.911 4.659  0.51 30.14  ? 31  SER A HB2    1 
ATOM   102 H HB3    A SER A 1 8  ? 5.816   -1.884 4.674  0.49 28.39  ? 31  SER A HB3    1 
ATOM   103 H HB3    B SER A 1 8  ? 7.099   -2.610 4.190  0.51 30.14  ? 31  SER A HB3    1 
ATOM   104 H HG     A SER A 1 8  ? 8.120   -2.805 3.758  0.49 25.40  ? 31  SER A HG     1 
ATOM   105 H HG     B SER A 1 8  ? 6.762   -0.002 4.365  0.51 34.12  ? 31  SER A HG     1 
ATOM   106 N N      . ILE A 1 9  ? 5.625   0.555  2.184  1.00 22.09  ? 32  ILE A N      1 
ATOM   107 C CA     . ILE A 1 9  ? 4.782   1.736  1.964  1.00 23.31  ? 32  ILE A CA     1 
ATOM   108 C C      . ILE A 1 9  ? 3.932   1.546  0.716  1.00 24.28  ? 32  ILE A C      1 
ATOM   109 O O      . ILE A 1 9  ? 2.729   1.833  0.715  1.00 23.88  ? 32  ILE A O      1 
ATOM   110 C CB     . ILE A 1 9  ? 5.643   3.019  1.877  1.00 23.14  ? 32  ILE A CB     1 
ATOM   111 C CG1    . ILE A 1 9  ? 6.148   3.377  3.279  1.00 24.89  ? 32  ILE A CG1    1 
ATOM   112 C CG2    . ILE A 1 9  ? 4.841   4.184  1.269  1.00 24.14  ? 32  ILE A CG2    1 
ATOM   113 C CD1    . ILE A 1 9  ? 7.209   4.396  3.317  1.00 26.04  ? 32  ILE A CD1    1 
ATOM   114 H H      . ILE A 1 9  ? 6.470   0.709  2.137  1.00 26.47  ? 32  ILE A H      1 
ATOM   115 H HA     . ILE A 1 9  ? 4.182   1.835  2.719  1.00 27.93  ? 32  ILE A HA     1 
ATOM   116 H HB     . ILE A 1 9  ? 6.408   2.841  1.309  1.00 27.72  ? 32  ILE A HB     1 
ATOM   117 H HG12   . ILE A 1 9  ? 5.401   3.714  3.799  1.00 29.82  ? 32  ILE A HG12   1 
ATOM   118 H HG13   . ILE A 1 9  ? 6.498   2.575  3.695  1.00 29.82  ? 32  ILE A HG13   1 
ATOM   119 H HG21   . ILE A 1 9  ? 5.303   5.017  1.451  1.00 28.92  ? 32  ILE A HG21   1 
ATOM   120 H HG22   . ILE A 1 9  ? 4.767   4.054  0.311  1.00 28.92  ? 32  ILE A HG22   1 
ATOM   121 H HG23   . ILE A 1 9  ? 3.959   4.203  1.670  1.00 28.92  ? 32  ILE A HG23   1 
ATOM   122 H HD11   . ILE A 1 9  ? 7.568   4.444  4.217  1.00 31.20  ? 32  ILE A HD11   1 
ATOM   123 H HD12   . ILE A 1 9  ? 7.909   4.145  2.695  1.00 31.20  ? 32  ILE A HD12   1 
ATOM   124 H HD13   . ILE A 1 9  ? 6.835   5.254  3.065  1.00 31.20  ? 32  ILE A HD13   1 
ATOM   125 N N      . ILE A 1 10 ? 4.541   1.035  -0.360 1.00 22.59  ? 33  ILE A N      1 
ATOM   126 C CA     . ILE A 1 10 ? 3.799   0.782  -1.591 1.00 26.54  ? 33  ILE A CA     1 
ATOM   127 C C      . ILE A 1 10 ? 2.728   -0.279 -1.363 1.00 22.81  ? 33  ILE A C      1 
ATOM   128 O O      . ILE A 1 10 ? 1.579   -0.122 -1.810 1.00 24.88  ? 33  ILE A O      1 
ATOM   129 C CB     . ILE A 1 10 ? 4.777   0.435  -2.736 1.00 25.52  ? 33  ILE A CB     1 
ATOM   130 C CG1    . ILE A 1 10 ? 5.511   1.718  -3.125 1.00 29.54  ? 33  ILE A CG1    1 
ATOM   131 C CG2    . ILE A 1 10 ? 4.029   -0.177 -3.870 1.00 28.28  ? 33  ILE A CG2    1 
ATOM   132 C CD1    . ILE A 1 10 ? 6.784   1.488  -3.956 1.00 31.05  ? 33  ILE A CD1    1 
ATOM   133 H H      . ILE A 1 10 ? 5.375   0.829  -0.398 1.00 27.06  ? 33  ILE A H      1 
ATOM   134 H HA     . ILE A 1 10 ? 3.341   1.600  -1.842 1.00 31.80  ? 33  ILE A HA     1 
ATOM   135 H HB     . ILE A 1 10 ? 5.426   -0.207 -2.407 1.00 30.57  ? 33  ILE A HB     1 
ATOM   136 H HG12   . ILE A 1 10 ? 4.912   2.272  -3.651 1.00 35.41  ? 33  ILE A HG12   1 
ATOM   137 H HG13   . ILE A 1 10 ? 5.769   2.190  -2.318 1.00 35.41  ? 33  ILE A HG13   1 
ATOM   138 H HG21   . ILE A 1 10 ? 4.580   -0.134 -4.668 1.00 33.89  ? 33  ILE A HG21   1 
ATOM   139 H HG22   . ILE A 1 10 ? 3.828   -1.102 -3.659 1.00 33.89  ? 33  ILE A HG22   1 
ATOM   140 H HG23   . ILE A 1 10 ? 3.207   0.319  -4.012 1.00 33.89  ? 33  ILE A HG23   1 
ATOM   141 H HD11   . ILE A 1 10 ? 7.204   2.345  -4.132 1.00 37.22  ? 33  ILE A HD11   1 
ATOM   142 H HD12   . ILE A 1 10 ? 7.388   0.919  -3.454 1.00 37.22  ? 33  ILE A HD12   1 
ATOM   143 H HD13   . ILE A 1 10 ? 6.542   1.060  -4.792 1.00 37.22  ? 33  ILE A HD13   1 
ATOM   144 N N      . ALA A 1 11 ? 3.053   -1.332 -0.591 1.00 23.80  ? 34  ALA A N      1 
ATOM   145 C CA     . ALA A 1 11 ? 2.074   -2.380 -0.343 1.00 25.70  ? 34  ALA A CA     1 
ATOM   146 C C      . ALA A 1 11 ? 0.879   -1.863 0.450  1.00 23.43  ? 34  ALA A C      1 
ATOM   147 O O      . ALA A 1 11 ? -0.269  -2.214 0.165  1.00 24.90  ? 34  ALA A O      1 
ATOM   148 C CB     . ALA A 1 11 ? 2.720   -3.531 0.420  1.00 25.07  ? 34  ALA A CB     1 
ATOM   149 H H      . ALA A 1 11 ? 3.816   -1.452 -0.211 1.00 28.52  ? 34  ALA A H      1 
ATOM   150 H HA     . ALA A 1 11 ? 1.749   -2.721 -1.190 1.00 30.79  ? 34  ALA A HA     1 
ATOM   151 H HB1    . ALA A 1 11 ? 2.055   -4.219 0.576  1.00 30.04  ? 34  ALA A HB1    1 
ATOM   152 H HB2    . ALA A 1 11 ? 3.450   -3.889 -0.109 1.00 30.04  ? 34  ALA A HB2    1 
ATOM   153 H HB3    . ALA A 1 11 ? 3.057   -3.198 1.266  1.00 30.04  ? 34  ALA A HB3    1 
ATOM   154 N N      . ILE A 1 12 ? 1.137   -1.038 1.459  1.00 19.99  ? 35  ILE A N      1 
ATOM   155 C CA     . ILE A 1 12 ? 0.061   -0.536 2.308  1.00 20.42  ? 35  ILE A CA     1 
ATOM   156 C C      . ILE A 1 12 ? -0.774  0.489  1.548  1.00 23.59  ? 35  ILE A C      1 
ATOM   157 O O      . ILE A 1 12 ? -2.008  0.509  1.658  1.00 22.25  ? 35  ILE A O      1 
ATOM   158 C CB     . ILE A 1 12 ? 0.649   0.041  3.609  1.00 19.75  ? 35  ILE A CB     1 
ATOM   159 C CG1    . ILE A 1 12 ? 1.271   -1.074 4.458  1.00 21.39  ? 35  ILE A CG1    1 
ATOM   160 C CG2    . ILE A 1 12 ? -0.423  0.791  4.390  1.00 21.14  ? 35  ILE A CG2    1 
ATOM   161 C CD1    . ILE A 1 12 ? 2.188   -0.541 5.564  1.00 29.97  ? 35  ILE A CD1    1 
ATOM   162 H H      . ILE A 1 12 ? 1.921   -0.755 1.674  1.00 23.94  ? 35  ILE A H      1 
ATOM   163 H HA     . ILE A 1 12 ? -0.520  -1.275 2.547  1.00 24.45  ? 35  ILE A HA     1 
ATOM   164 H HB     . ILE A 1 12 ? 1.349   0.670  3.373  1.00 23.65  ? 35  ILE A HB     1 
ATOM   165 H HG12   . ILE A 1 12 ? 0.560   -1.583 4.879  1.00 25.63  ? 35  ILE A HG12   1 
ATOM   166 H HG13   . ILE A 1 12 ? 1.798   -1.653 3.885  1.00 25.63  ? 35  ILE A HG13   1 
ATOM   167 H HG21   . ILE A 1 12 ? -0.116  0.935  5.298  1.00 25.32  ? 35  ILE A HG21   1 
ATOM   168 H HG22   . ILE A 1 12 ? -0.589  1.645  3.962  1.00 25.32  ? 35  ILE A HG22   1 
ATOM   169 H HG23   . ILE A 1 12 ? -1.234  0.259  4.399  1.00 25.32  ? 35  ILE A HG23   1 
ATOM   170 H HD11   . ILE A 1 12 ? 2.542   -1.293 6.061  1.00 35.92  ? 35  ILE A HD11   1 
ATOM   171 H HD12   . ILE A 1 12 ? 2.918   -0.052 5.151  1.00 35.92  ? 35  ILE A HD12   1 
ATOM   172 H HD13   . ILE A 1 12 ? 1.690   0.051  6.139  1.00 35.92  ? 35  ILE A HD13   1 
ATOM   173 N N      . LEU A 1 13 ? -0.132  1.345  0.759  1.00 21.97  ? 36  LEU A N      1 
ATOM   174 C CA     A LEU A 1 13 ? -0.883  2.282  -0.070 0.52 23.10  ? 36  LEU A CA     1 
ATOM   175 C CA     B LEU A 1 13 ? -0.883  2.284  -0.073 0.48 23.75  ? 36  LEU A CA     1 
ATOM   176 C C      . LEU A 1 13 ? -1.779  1.538  -1.053 1.00 21.52  ? 36  LEU A C      1 
ATOM   177 O O      . LEU A 1 13 ? -2.954  1.897  -1.234 1.00 22.94  ? 36  LEU A O      1 
ATOM   178 C CB     A LEU A 1 13 ? 0.070   3.199  -0.831 0.52 25.87  ? 36  LEU A CB     1 
ATOM   179 C CB     B LEU A 1 13 ? 0.069   3.201  -0.843 0.48 21.58  ? 36  LEU A CB     1 
ATOM   180 C CG     A LEU A 1 13 ? -0.642  4.077  -1.878 0.52 23.26  ? 36  LEU A CG     1 
ATOM   181 C CG     B LEU A 1 13 ? 0.782   4.335  -0.103 0.48 32.92  ? 36  LEU A CG     1 
ATOM   182 C CD1    A LEU A 1 13 ? -1.613  5.016  -1.229 0.52 23.96  ? 36  LEU A CD1    1 
ATOM   183 C CD1    B LEU A 1 13 ? 2.051   4.744  -0.842 0.48 44.79  ? 36  LEU A CD1    1 
ATOM   184 C CD2    A LEU A 1 13 ? 0.410   4.821  -2.681 0.52 25.15  ? 36  LEU A CD2    1 
ATOM   185 C CD2    B LEU A 1 13 ? -0.147  5.532  0.049  0.48 40.52  ? 36  LEU A CD2    1 
ATOM   186 H H      A LEU A 1 13 ? 0.723   1.403  0.686  0.52 26.32  ? 36  LEU A H      1 
ATOM   187 H H      B LEU A 1 13 ? 0.722   1.403  0.686  0.48 26.32  ? 36  LEU A H      1 
ATOM   188 H HA     . LEU A 1 13 ? -1.445  2.832  0.496  1.00 28.46  ? 36  LEU A HA     1 
ATOM   189 H HB2    A LEU A 1 13 ? 0.512   3.788  -0.199 0.52 31.00  ? 36  LEU A HB2    1 
ATOM   190 H HB2    B LEU A 1 13 ? 0.762   2.644  -1.231 0.48 25.85  ? 36  LEU A HB2    1 
ATOM   191 H HB3    A LEU A 1 13 ? 0.727   2.655  -1.292 0.52 31.00  ? 36  LEU A HB3    1 
ATOM   192 H HB3    B LEU A 1 13 ? -0.438  3.614  -1.559 0.48 25.85  ? 36  LEU A HB3    1 
ATOM   193 H HG     A LEU A 1 13 ? -1.134  3.519  -2.500 0.52 27.87  ? 36  LEU A HG     1 
ATOM   194 H HG     B LEU A 1 13 ? 1.048   4.024  0.773  0.48 39.46  ? 36  LEU A HG     1 
ATOM   195 H HD11   A LEU A 1 13 ? -2.048  5.541  -1.919 0.52 28.71  ? 36  LEU A HD11   1 
ATOM   196 H HD11   B LEU A 1 13 ? 2.472   5.475  -0.364 0.48 53.70  ? 36  LEU A HD11   1 
ATOM   197 H HD12   A LEU A 1 13 ? -2.276  4.504  -0.741 0.52 28.71  ? 36  LEU A HD12   1 
ATOM   198 H HD12   B LEU A 1 13 ? 2.651   3.983  -0.882 0.48 53.70  ? 36  LEU A HD12   1 
ATOM   199 H HD13   A LEU A 1 13 ? -1.131  5.599  -0.622 0.52 28.71  ? 36  LEU A HD13   1 
ATOM   200 H HD13   B LEU A 1 13 ? 1.815   5.028  -1.739 0.48 53.70  ? 36  LEU A HD13   1 
ATOM   201 H HD21   A LEU A 1 13 ? -0.010  5.215  -3.462 0.52 30.13  ? 36  LEU A HD21   1 
ATOM   202 H HD21   B LEU A 1 13 ? 0.230   6.144  0.701  0.48 48.58  ? 36  LEU A HD21   1 
ATOM   203 H HD22   A LEU A 1 13 ? 0.799   5.515  -2.127 0.52 30.13  ? 36  LEU A HD22   1 
ATOM   204 H HD22   B LEU A 1 13 ? -0.228  5.975  -0.809 0.48 48.58  ? 36  LEU A HD22   1 
ATOM   205 H HD23   A LEU A 1 13 ? 1.097   4.195  -2.959 0.52 30.13  ? 36  LEU A HD23   1 
ATOM   206 H HD23   B LEU A 1 13 ? -1.017  5.222  0.344  0.48 48.58  ? 36  LEU A HD23   1 
ATOM   207 N N      . HIS A 1 14 ? -1.243  0.512  -1.714 1.00 24.50  ? 37  HIS A N      1 
ATOM   208 C CA     . HIS A 1 14 ? -2.065  -0.280 -2.625 1.00 22.30  ? 37  HIS A CA     1 
ATOM   209 C C      . HIS A 1 14 ? -3.258  -0.881 -1.874 1.00 22.87  ? 37  HIS A C      1 
ATOM   210 O O      . HIS A 1 14 ? -4.382  -0.868 -2.373 1.00 24.41  ? 37  HIS A O      1 
ATOM   211 C CB     . HIS A 1 14 ? -1.253  -1.374 -3.298 1.00 23.48  ? 37  HIS A CB     1 
ATOM   212 C CG     . HIS A 1 14 ? -2.092  -2.299 -4.117 1.00 27.79  ? 37  HIS A CG     1 
ATOM   213 N ND1    . HIS A 1 14 ? -2.417  -3.570 -3.700 1.00 29.88  ? 37  HIS A ND1    1 
ATOM   214 C CD2    . HIS A 1 14 ? -2.736  -2.108 -5.287 1.00 30.95  ? 37  HIS A CD2    1 
ATOM   215 C CE1    . HIS A 1 14 ? -3.188  -4.142 -4.605 1.00 32.50  ? 37  HIS A CE1    1 
ATOM   216 N NE2    . HIS A 1 14 ? -3.407  -3.271 -5.574 1.00 30.49  ? 37  HIS A NE2    1 
ATOM   217 H H      . HIS A 1 14 ? -0.424  0.258  -1.654 1.00 29.36  ? 37  HIS A H      1 
ATOM   218 H HA     . HIS A 1 14 ? -2.413  0.302  -3.318 1.00 26.71  ? 37  HIS A HA     1 
ATOM   219 H HB2    . HIS A 1 14 ? -0.597  -0.965 -3.884 1.00 28.13  ? 37  HIS A HB2    1 
ATOM   220 H HB3    . HIS A 1 14 ? -0.806  -1.899 -2.617 1.00 28.13  ? 37  HIS A HB3    1 
ATOM   221 H HD1    . HIS A 1 14 ? -2.139  -3.941 -2.976 1.00 35.81  ? 37  HIS A HD1    1 
ATOM   222 H HD2    . HIS A 1 14 ? -2.716  -1.346 -5.809 1.00 37.10  ? 37  HIS A HD2    1 
ATOM   223 H HE1    . HIS A 1 14 ? -3.533  -5.005 -4.560 1.00 38.96  ? 37  HIS A HE1    1 
ATOM   224 N N      . LEU A 1 15 ? -3.017  -1.478 -0.708 1.00 22.26  ? 38  LEU A N      1 
ATOM   225 C CA     . LEU A 1 15 ? -4.116  -2.030 0.088  1.00 21.25  ? 38  LEU A CA     1 
ATOM   226 C C      . LEU A 1 15 ? -5.180  -0.976 0.366  1.00 22.15  ? 38  LEU A C      1 
ATOM   227 O O      . LEU A 1 15 ? -6.381  -1.220 0.189  1.00 24.38  ? 38  LEU A O      1 
ATOM   228 C CB     . LEU A 1 15 ? -3.578  -2.608 1.400  1.00 24.15  ? 38  LEU A CB     1 
ATOM   229 C CG     . LEU A 1 15 ? -4.580  -3.105 2.443  1.00 27.59  ? 38  LEU A CG     1 
ATOM   230 C CD1    . LEU A 1 15 ? -5.361  -4.266 1.899  1.00 27.15  ? 38  LEU A CD1    1 
ATOM   231 C CD2    . LEU A 1 15 ? -3.862  -3.473 3.718  1.00 26.53  ? 38  LEU A CD2    1 
ATOM   232 H H      . LEU A 1 15 ? -2.238  -1.575 -0.358 1.00 26.67  ? 38  LEU A H      1 
ATOM   233 H HA     . LEU A 1 15 ? -4.533  -2.752 -0.409 1.00 25.46  ? 38  LEU A HA     1 
ATOM   234 H HB2    . LEU A 1 15 ? -3.005  -3.360 1.180  1.00 28.94  ? 38  LEU A HB2    1 
ATOM   235 H HB3    . LEU A 1 15 ? -3.044  -1.920 1.829  1.00 28.94  ? 38  LEU A HB3    1 
ATOM   236 H HG     . LEU A 1 15 ? -5.205  -2.393 2.650  1.00 33.06  ? 38  LEU A HG     1 
ATOM   237 H HD11   . LEU A 1 15 ? -5.958  -4.596 2.590  1.00 32.53  ? 38  LEU A HD11   1 
ATOM   238 H HD12   . LEU A 1 15 ? -5.875  -3.967 1.133  1.00 32.53  ? 38  LEU A HD12   1 
ATOM   239 H HD13   . LEU A 1 15 ? -4.744  -4.966 1.633  1.00 32.53  ? 38  LEU A HD13   1 
ATOM   240 H HD21   . LEU A 1 15 ? -4.511  -3.788 4.365  1.00 31.79  ? 38  LEU A HD21   1 
ATOM   241 H HD22   . LEU A 1 15 ? -3.219  -4.174 3.526  1.00 31.79  ? 38  LEU A HD22   1 
ATOM   242 H HD23   . LEU A 1 15 ? -3.405  -2.689 4.061  1.00 31.79  ? 38  LEU A HD23   1 
ATOM   243 N N      . ALA A 1 16 ? -4.764  0.200  0.846  1.00 21.81  ? 39  ALA A N      1 
ATOM   244 C CA     . ALA A 1 16 ? -5.715  1.255  1.156  1.00 21.10  ? 39  ALA A CA     1 
ATOM   245 C C      . ALA A 1 16 ? -6.523  1.651  -0.072 1.00 24.28  ? 39  ALA A C      1 
ATOM   246 O O      . ALA A 1 16 ? -7.749  1.789  -0.004 1.00 24.24  ? 39  ALA A O      1 
ATOM   247 C CB     . ALA A 1 16 ? -4.988  2.463  1.749  1.00 24.37  ? 39  ALA A CB     1 
ATOM   248 H H      . ALA A 1 16 ? -3.942  0.404  0.998  1.00 26.13  ? 39  ALA A H      1 
ATOM   249 H HA     . ALA A 1 16 ? -6.336  0.927  1.824  1.00 25.27  ? 39  ALA A HA     1 
ATOM   250 H HB1    . ALA A 1 16 ? -5.638  3.154  1.949  1.00 29.20  ? 39  ALA A HB1    1 
ATOM   251 H HB2    . ALA A 1 16 ? -4.535  2.190  2.561  1.00 29.20  ? 39  ALA A HB2    1 
ATOM   252 H HB3    . ALA A 1 16 ? -4.343  2.791  1.103  1.00 29.20  ? 39  ALA A HB3    1 
ATOM   253 N N      . LEU A 1 17 ? -5.851  1.832  -1.205 1.00 23.81  ? 40  LEU A N      1 
ATOM   254 C CA     . LEU A 1 17 ? -6.541  2.234  -2.419 1.00 26.57  ? 40  LEU A CA     1 
ATOM   255 C C      . LEU A 1 17 ? -7.477  1.145  -2.933 1.00 23.41  ? 40  LEU A C      1 
ATOM   256 O O      . LEU A 1 17 ? -8.580  1.444  -3.406 1.00 28.10  ? 40  LEU A O      1 
ATOM   257 C CB     . LEU A 1 17 ? -5.516  2.601  -3.489 1.00 27.52  ? 40  LEU A CB     1 
ATOM   258 C CG     . LEU A 1 17 ? -4.674  3.838  -3.169 1.00 29.50  ? 40  LEU A CG     1 
ATOM   259 C CD1    . LEU A 1 17 ? -3.545  3.966  -4.182 1.00 32.41  ? 40  LEU A CD1    1 
ATOM   260 C CD2    . LEU A 1 17 ? -5.522  5.082  -3.165 1.00 37.45  ? 40  LEU A CD2    1 
ATOM   261 H H      . LEU A 1 17 ? -5.002  1.730  -1.294 1.00 28.53  ? 40  LEU A H      1 
ATOM   262 H HA     . LEU A 1 17 ? -7.076  3.020  -2.231 1.00 31.84  ? 40  LEU A HA     1 
ATOM   263 H HB2    . LEU A 1 17 ? -4.907  1.853  -3.604 1.00 32.98  ? 40  LEU A HB2    1 
ATOM   264 H HB3    . LEU A 1 17 ? -5.984  2.771  -4.322 1.00 32.98  ? 40  LEU A HB3    1 
ATOM   265 H HG     . LEU A 1 17 ? -4.281  3.737  -2.289 1.00 35.35  ? 40  LEU A HG     1 
ATOM   266 H HD11   . LEU A 1 17 ? -3.034  4.767  -3.986 1.00 38.84  ? 40  LEU A HD11   1 
ATOM   267 H HD12   . LEU A 1 17 ? -2.974  3.184  -4.118 1.00 38.84  ? 40  LEU A HD12   1 
ATOM   268 H HD13   . LEU A 1 17 ? -3.926  4.027  -5.072 1.00 38.84  ? 40  LEU A HD13   1 
ATOM   269 H HD21   . LEU A 1 17 ? -4.943  5.858  -3.100 1.00 44.90  ? 40  LEU A HD21   1 
ATOM   270 H HD22   . LEU A 1 17 ? -6.033  5.118  -3.988 1.00 44.90  ? 40  LEU A HD22   1 
ATOM   271 H HD23   . LEU A 1 17 ? -6.123  5.054  -2.404 1.00 44.90  ? 40  LEU A HD23   1 
ATOM   272 N N      . TRP A 1 18 ? -7.037  -0.113 -2.884 1.00 24.96  ? 41  TRP A N      1 
ATOM   273 C CA     . TRP A 1 18 ? -7.877  -1.238 -3.292 1.00 22.90  ? 41  TRP A CA     1 
ATOM   274 C C      . TRP A 1 18 ? -9.164  -1.289 -2.474 1.00 26.77  ? 41  TRP A C      1 
ATOM   275 O O      . TRP A 1 18 ? -10.263 -1.468 -3.019 1.00 25.87  ? 41  TRP A O      1 
ATOM   276 C CB     . TRP A 1 18 ? -7.073  -2.534 -3.132 1.00 26.13  ? 41  TRP A CB     1 
ATOM   277 C CG     . TRP A 1 18 ? -7.719  -3.775 -3.649 1.00 28.73  ? 41  TRP A CG     1 
ATOM   278 C CD1    . TRP A 1 18 ? -7.502  -4.363 -4.866 1.00 33.02  ? 41  TRP A CD1    1 
ATOM   279 C CD2    . TRP A 1 18 ? -8.669  -4.600 -2.965 1.00 27.70  ? 41  TRP A CD2    1 
ATOM   280 N NE1    . TRP A 1 18 ? -8.265  -5.498 -4.987 1.00 28.96  ? 41  TRP A NE1    1 
ATOM   281 C CE2    . TRP A 1 18 ? -8.981  -5.672 -3.829 1.00 27.49  ? 41  TRP A CE2    1 
ATOM   282 C CE3    . TRP A 1 18 ? -9.263  -4.553 -1.705 1.00 28.20  ? 41  TRP A CE3    1 
ATOM   283 C CZ2    . TRP A 1 18 ? -9.884  -6.670 -3.477 1.00 31.47  ? 41  TRP A CZ2    1 
ATOM   284 C CZ3    . TRP A 1 18 ? -10.168 -5.543 -1.365 1.00 27.58  ? 41  TRP A CZ3    1 
ATOM   285 C CH2    . TRP A 1 18 ? -10.461 -6.588 -2.247 1.00 30.44  ? 41  TRP A CH2    1 
ATOM   286 H H      . TRP A 1 18 ? -6.253  -0.342 -2.617 1.00 29.90  ? 41  TRP A H      1 
ATOM   287 H HA     . TRP A 1 18 ? -8.115  -1.140 -4.227 1.00 27.43  ? 41  TRP A HA     1 
ATOM   288 H HB2    . TRP A 1 18 ? -6.231  -2.429 -3.601 1.00 31.31  ? 41  TRP A HB2    1 
ATOM   289 H HB3    . TRP A 1 18 ? -6.900  -2.671 -2.187 1.00 31.31  ? 41  TRP A HB3    1 
ATOM   290 H HD1    . TRP A 1 18 ? -6.929  -4.035 -5.521 1.00 39.57  ? 41  TRP A HD1    1 
ATOM   291 H HE1    . TRP A 1 18 ? -8.285  -6.018 -5.671 1.00 34.71  ? 41  TRP A HE1    1 
ATOM   292 H HE3    . TRP A 1 18 ? -9.073  -3.860 -1.115 1.00 33.79  ? 41  TRP A HE3    1 
ATOM   293 H HZ2    . TRP A 1 18 ? -10.087 -7.365 -4.060 1.00 37.72  ? 41  TRP A HZ2    1 
ATOM   294 H HZ3    . TRP A 1 18 ? -10.576 -5.521 -0.530 1.00 33.05  ? 41  TRP A HZ3    1 
ATOM   295 H HH2    . TRP A 1 18 ? -11.070 -7.243 -1.988 1.00 36.49  ? 41  TRP A HH2    1 
ATOM   296 N N      . ILE A 1 19 ? -9.050  -1.139 -1.152 1.00 24.62  ? 42  ILE A N      1 
ATOM   297 C CA     . ILE A 1 19 ? -10.244 -1.132 -0.298 1.00 24.27  ? 42  ILE A CA     1 
ATOM   298 C C      . ILE A 1 19 ? -11.139 0.057  -0.630 1.00 26.89  ? 42  ILE A C      1 
ATOM   299 O O      . ILE A 1 19 ? -12.353 -0.086 -0.810 1.00 26.31  ? 42  ILE A O      1 
ATOM   300 C CB     . ILE A 1 19 ? -9.835  -1.142 1.185  1.00 22.70  ? 42  ILE A CB     1 
ATOM   301 C CG1    . ILE A 1 19 ? -9.130  -2.445 1.494  1.00 24.32  ? 42  ILE A CG1    1 
ATOM   302 C CG2    . ILE A 1 19 ? -11.055 -0.935 2.079  1.00 26.63  ? 42  ILE A CG2    1 
ATOM   303 C CD1    . ILE A 1 19 ? -8.512  -2.471 2.843  1.00 25.70  ? 42  ILE A CD1    1 
ATOM   304 H H      . ILE A 1 19 ? -8.307  -1.041 -0.730 1.00 29.50  ? 42  ILE A H      1 
ATOM   305 H HA     . ILE A 1 19 ? -10.752 -1.940 -0.469 1.00 29.08  ? 42  ILE A HA     1 
ATOM   306 H HB     . ILE A 1 19 ? -9.213  -0.413 1.337  1.00 27.20  ? 42  ILE A HB     1 
ATOM   307 H HG12   . ILE A 1 19 ? -9.774  -3.169 1.447  1.00 29.14  ? 42  ILE A HG12   1 
ATOM   308 H HG13   . ILE A 1 19 ? -8.426  -2.588 0.843  1.00 29.14  ? 42  ILE A HG13   1 
ATOM   309 H HG21   . ILE A 1 19 ? -10.818 -1.135 2.997  1.00 31.91  ? 42  ILE A HG21   1 
ATOM   310 H HG22   . ILE A 1 19 ? -11.346 -0.012 2.013  1.00 31.91  ? 42  ILE A HG22   1 
ATOM   311 H HG23   . ILE A 1 19 ? -11.764 -1.528 1.786  1.00 31.91  ? 42  ILE A HG23   1 
ATOM   312 H HD11   . ILE A 1 19 ? -7.888  -3.212 2.888  1.00 30.79  ? 42  ILE A HD11   1 
ATOM   313 H HD12   . ILE A 1 19 ? -8.043  -1.635 2.991  1.00 30.79  ? 42  ILE A HD12   1 
ATOM   314 H HD13   . ILE A 1 19 ? -9.208  -2.583 3.509  1.00 30.79  ? 42  ILE A HD13   1 
ATOM   315 N N      . LEU A 1 20 ? -10.562 1.230  -0.726 1.00 23.57  ? 43  LEU A N      1 
ATOM   316 C CA     . LEU A 1 20 ? -11.305 2.431  -1.034 1.00 27.41  ? 43  LEU A CA     1 
ATOM   317 C C      . LEU A 1 20 ? -12.145 2.296  -2.274 1.00 29.15  ? 43  LEU A C      1 
ATOM   318 O O      . LEU A 1 20 ? -13.269 2.660  -2.280 1.00 29.77  ? 43  LEU A O      1 
ATOM   319 C CB     . LEU A 1 20 ? -10.390 3.633  -1.140 1.00 26.02  ? 43  LEU A CB     1 
ATOM   320 C CG     . LEU A 1 20 ? -11.003 5.013  -1.290 1.00 33.02  ? 43  LEU A CG     1 
ATOM   321 C CD1    . LEU A 1 20 ? -11.845 5.401  -0.113 1.00 32.79  ? 43  LEU A CD1    1 
ATOM   322 C CD2    . LEU A 1 20 ? -9.974  6.051  -1.572 1.00 39.80  ? 43  LEU A CD2    1 
ATOM   323 H H      . LEU A 1 20 ? -9.719  1.363  -0.615 1.00 28.24  ? 43  LEU A H      1 
ATOM   324 H HA     . LEU A 1 20 ? -11.913 2.601  -0.298 1.00 32.84  ? 43  LEU A HA     1 
ATOM   325 H HB2    . LEU A 1 20 ? -9.842  3.657  -0.340 1.00 31.18  ? 43  LEU A HB2    1 
ATOM   326 H HB3    . LEU A 1 20 ? -9.816  3.498  -1.910 1.00 31.18  ? 43  LEU A HB3    1 
ATOM   327 H HG     . LEU A 1 20 ? -11.594 4.992  -2.059 1.00 39.58  ? 43  LEU A HG     1 
ATOM   328 H HD11   . LEU A 1 20 ? -12.597 4.791  -0.047 1.00 39.30  ? 43  LEU A HD11   1 
ATOM   329 H HD12   . LEU A 1 20 ? -11.306 5.349  0.691  1.00 39.30  ? 43  LEU A HD12   1 
ATOM   330 H HD13   . LEU A 1 20 ? -12.165 6.308  -0.240 1.00 39.30  ? 43  LEU A HD13   1 
ATOM   331 H HD21   . LEU A 1 20 ? -10.416 6.900  -1.732 1.00 47.72  ? 43  LEU A HD21   1 
ATOM   332 H HD22   . LEU A 1 20 ? -9.382  6.125  -0.807 1.00 47.72  ? 43  LEU A HD22   1 
ATOM   333 H HD23   . LEU A 1 20 ? -9.469  5.789  -2.357 1.00 47.72  ? 43  LEU A HD23   1 
ATOM   334 N N      . ASP A 1 21 ? -11.560 1.765  -3.325 1.00 27.55  ? 44  ASP A N      1 
ATOM   335 C CA     . ASP A 1 21 ? -12.259 1.582  -4.599 1.00 31.83  ? 44  ASP A CA     1 
ATOM   336 C C      . ASP A 1 21 ? -13.472 0.680  -4.454 1.00 24.80  ? 44  ASP A C      1 
ATOM   337 O O      . ASP A 1 21 ? -14.417 0.778  -5.238 1.00 32.46  ? 44  ASP A O      1 
ATOM   338 C CB     . ASP A 1 21 ? -11.257 0.997  -5.597 1.00 29.45  ? 44  ASP A CB     1 
ATOM   339 C CG     . ASP A 1 21 ? -11.703 1.072  -7.036 1.00 38.46  ? 44  ASP A CG     1 
ATOM   340 O OD1    . ASP A 1 21 ? -12.823 1.533  -7.341 1.00 45.81  ? 44  ASP A OD1    1 
ATOM   341 O OD2    . ASP A 1 21 ? -10.895 0.636  -7.888 1.00 55.79  ? 44  ASP A OD2    1 
ATOM   342 H H      . ASP A 1 21 ? -10.744 1.494  -3.335 1.00 33.01  ? 44  ASP A H      1 
ATOM   343 H HA     . ASP A 1 21 ? -12.558 2.443  -4.930 1.00 38.15  ? 44  ASP A HA     1 
ATOM   344 H HB2    . ASP A 1 21 ? -10.430 1.474  -5.467 1.00 35.30  ? 44  ASP A HB2    1 
ATOM   345 H HB3    . ASP A 1 21 ? -11.125 0.060  -5.384 1.00 35.30  ? 44  ASP A HB3    1 
ATOM   346 N N      . ARG A 1 22 ? -13.461 -0.221 -3.478 1.00 31.81  ? 45  ARG A N      1 
ATOM   347 C CA     . ARG A 1 22 ? -14.517 -1.220 -3.348 1.00 26.52  ? 45  ARG A CA     1 
ATOM   348 C C      . ARG A 1 22 ? -15.486 -0.927 -2.213 1.00 36.63  ? 45  ARG A C      1 
ATOM   349 O O      . ARG A 1 22 ? -16.449 -1.674 -2.032 1.00 36.44  ? 45  ARG A O      1 
ATOM   350 C CB     . ARG A 1 22 ? -13.880 -2.607 -3.191 1.00 31.34  ? 45  ARG A CB     1 
ATOM   351 C CG     . ARG A 1 22 ? -13.187 -3.047 -4.466 1.00 29.65  ? 45  ARG A CG     1 
ATOM   352 C CD     . ARG A 1 22 ? -12.223 -4.217 -4.303 1.00 29.90  ? 45  ARG A CD     1 
ATOM   353 N NE     . ARG A 1 22 ? -11.671 -4.551 -5.608 1.00 33.57  ? 45  ARG A NE     1 
ATOM   354 C CZ     . ARG A 1 22 ? -10.758 -3.825 -6.252 1.00 30.14  ? 45  ARG A CZ     1 
ATOM   355 N NH1    . ARG A 1 22 ? -10.284 -2.718 -5.694 1.00 29.76  ? 45  ARG A NH1    1 
ATOM   356 N NH2    . ARG A 1 22 ? -10.330 -4.202 -7.435 1.00 33.23  ? 45  ARG A NH2    1 
ATOM   357 H H      . ARG A 1 22 ? -12.850 -0.277 -2.874 1.00 38.12  ? 45  ARG A H      1 
ATOM   358 H HA     . ARG A 1 22 ? -15.033 -1.235 -4.169 1.00 31.78  ? 45  ARG A HA     1 
ATOM   359 H HB2    . ARG A 1 22 ? -13.220 -2.578 -2.480 1.00 37.56  ? 45  ARG A HB2    1 
ATOM   360 H HB3    . ARG A 1 22 ? -14.571 -3.255 -2.981 1.00 37.56  ? 45  ARG A HB3    1 
ATOM   361 H HG2    . ARG A 1 22 ? -13.864 -3.313 -5.109 1.00 35.54  ? 45  ARG A HG2    1 
ATOM   362 H HG3    . ARG A 1 22 ? -12.683 -2.297 -4.818 1.00 35.54  ? 45  ARG A HG3    1 
ATOM   363 H HD2    . ARG A 1 22 ? -11.498 -3.968 -3.709 1.00 35.84  ? 45  ARG A HD2    1 
ATOM   364 H HD3    . ARG A 1 22 ? -12.699 -4.989 -3.959 1.00 35.84  ? 45  ARG A HD3    1 
ATOM   365 H HE     . ARG A 1 22 ? -11.953 -5.268 -5.990 1.00 40.24  ? 45  ARG A HE     1 
ATOM   366 H HH11   . ARG A 1 22 ? -10.565 -2.465 -4.921 1.00 35.67  ? 45  ARG A HH11   1 
ATOM   367 H HH12   . ARG A 1 22 ? -9.694  -2.249 -6.108 1.00 35.67  ? 45  ARG A HH12   1 
ATOM   368 H HH21   . ARG A 1 22 ? -10.637 -4.921 -7.794 1.00 39.84  ? 45  ARG A HH21   1 
ATOM   369 H HH22   . ARG A 1 22 ? -9.737  -3.735 -7.847 1.00 39.84  ? 45  ARG A HH22   1 
ATOM   370 N N      . LEU A 1 23 ? -15.272 0.150  -1.473 1.00 29.67  ? 46  LEU A N      1 
ATOM   371 C CA     . LEU A 1 23 ? -16.234 0.601  -0.460 1.00 32.10  ? 46  LEU A CA     1 
ATOM   372 C C      . LEU A 1 23 ? -17.454 1.189  -1.161 1.00 50.53  ? 46  LEU A C      1 
ATOM   373 O O      . LEU A 1 23 ? -18.571 1.126  -0.655 1.00 67.73  ? 46  LEU A O      1 
ATOM   374 C CB     . LEU A 1 23 ? -15.618 1.634  0.477  1.00 31.94  ? 46  LEU A CB     1 
ATOM   375 C CG     . LEU A 1 23 ? -14.551 1.068  1.408  1.00 31.00  ? 46  LEU A CG     1 
ATOM   376 C CD1    . LEU A 1 23 ? -13.874 2.176  2.210  1.00 44.69  ? 46  LEU A CD1    1 
ATOM   377 C CD2    . LEU A 1 23 ? -15.109 0.015  2.338  1.00 42.03  ? 46  LEU A CD2    1 
ATOM   378 H H      . LEU A 1 23 ? -14.573 0.647  -1.532 1.00 35.56  ? 46  LEU A H      1 
ATOM   379 H HA     . LEU A 1 23 ? -16.527 -0.160 0.066  1.00 38.47  ? 46  LEU A HA     1 
ATOM   380 H HB2    . LEU A 1 23 ? -15.206 2.331  -0.057 1.00 38.28  ? 46  LEU A HB2    1 
ATOM   381 H HB3    . LEU A 1 23 ? -16.320 2.013  1.027  1.00 38.28  ? 46  LEU A HB3    1 
ATOM   382 H HG     . LEU A 1 23 ? -13.868 0.643  0.868  1.00 37.15  ? 46  LEU A HG     1 
ATOM   383 H HD11   . LEU A 1 23 ? -13.195 1.784  2.780  1.00 53.58  ? 46  LEU A HD11   1 
ATOM   384 H HD12   . LEU A 1 23 ? -13.468 2.807  1.596  1.00 53.58  ? 46  LEU A HD12   1 
ATOM   385 H HD13   . LEU A 1 23 ? -14.542 2.625  2.753  1.00 53.58  ? 46  LEU A HD13   1 
ATOM   386 H HD21   . LEU A 1 23 ? -14.455 -0.174 3.028  1.00 50.39  ? 46  LEU A HD21   1 
ATOM   387 H HD22   . LEU A 1 23 ? -15.926 0.350  2.739  1.00 50.39  ? 46  LEU A HD22   1 
ATOM   388 H HD23   . LEU A 1 23 ? -15.296 -0.791 1.831  1.00 50.39  ? 46  LEU A HD23   1 
HETATM 389 N N      . NH2 A 1 24 ? -17.214 1.763  -2.336 1.00 39.42  ? 47  NH2 A N      1 
HETATM 390 H HN1    . NH2 A 1 24 ? -16.272 1.786  -2.707 1.00 47.26  ? 47  NH2 A HN1    1 
HETATM 391 H HN2    . NH2 A 1 24 ? -17.977 2.177  -2.863 1.00 47.26  ? 47  NH2 A HN2    1 
HETATM 392 C C1     . BOG B 2 .  ? -4.920  -0.167 -7.419 1.00 49.16  ? 101 BOG A C1     1 
HETATM 393 O O1     . BOG B 2 .  ? -3.991  0.732  -7.918 1.00 57.18  ? 101 BOG A O1     1 
HETATM 394 C C2     . BOG B 2 .  ? -6.373  0.427  -7.665 1.00 49.87  ? 101 BOG A C2     1 
HETATM 395 O O2     . BOG B 2 .  ? -6.567  1.519  -6.884 1.00 54.14  ? 101 BOG A O2     1 
HETATM 396 C C3     . BOG B 2 .  ? -7.306  -0.705 -7.175 1.00 47.54  ? 101 BOG A C3     1 
HETATM 397 O O3     . BOG B 2 .  ? -8.627  -0.491 -7.130 1.00 48.35  ? 101 BOG A O3     1 
HETATM 398 C C4     . BOG B 2 .  ? -7.074  -1.803 -8.306 1.00 47.41  ? 101 BOG A C4     1 
HETATM 399 O O4     . BOG B 2 .  ? -7.986  -2.775 -8.261 1.00 44.13  ? 101 BOG A O4     1 
HETATM 400 C C5     . BOG B 2 .  ? -5.686  -2.337 -7.920 1.00 42.95  ? 101 BOG A C5     1 
HETATM 401 O O5     . BOG B 2 .  ? -4.729  -1.369 -8.184 1.00 45.76  ? 101 BOG A O5     1 
HETATM 402 C C6     . BOG B 2 .  ? -5.344  -3.626 -8.668 1.00 46.96  ? 101 BOG A C6     1 
HETATM 403 O O6     . BOG B 2 .  ? -5.369  -4.531 -7.603 1.00 48.12  ? 101 BOG A O6     1 
HETATM 404 C "C1'"  . BOG B 2 .  ? -2.881  0.969  -7.069 1.00 55.01  ? 101 BOG A "C1'"  1 
HETATM 405 C "C2'"  . BOG B 2 .  ? -1.622  0.655  -7.907 1.00 58.17  ? 101 BOG A "C2'"  1 
HETATM 406 C "C3'"  . BOG B 2 .  ? -0.561  1.724  -7.657 1.00 58.85  ? 101 BOG A "C3'"  1 
HETATM 407 C "C4'"  . BOG B 2 .  ? 0.086   1.573  -6.288 1.00 56.84  ? 101 BOG A "C4'"  1 
HETATM 408 C "C5'"  . BOG B 2 .  ? 1.426   2.314  -6.267 1.00 57.71  ? 101 BOG A "C5'"  1 
HETATM 409 C "C6'"  . BOG B 2 .  ? 2.511   1.469  -6.934 1.00 61.59  ? 101 BOG A "C6'"  1 
HETATM 410 H H1     . BOG B 2 .  ? -4.796  -0.318 -6.472 1.00 58.95  ? 101 BOG A H1     1 
HETATM 411 H H2     . BOG B 2 .  ? -6.516  0.634  -8.602 1.00 59.80  ? 101 BOG A H2     1 
HETATM 412 H HO2    . BOG B 2 .  ? -6.839  2.146  -7.388 1.00 64.93  ? 101 BOG A HO2    1 
HETATM 413 H H3     . BOG B 2 .  ? -6.989  -1.038 -6.323 1.00 57.00  ? 101 BOG A H3     1 
HETATM 414 H HO3    . BOG B 2 .  ? -8.831  -0.347 -6.318 1.00 57.98  ? 101 BOG A HO3    1 
HETATM 415 H H4     . BOG B 2 .  ? -7.037  -1.376 -9.173 1.00 56.85  ? 101 BOG A H4     1 
HETATM 416 H HO4    . BOG B 2 .  ? -8.216  -2.950 -9.060 1.00 52.91  ? 101 BOG A HO4    1 
HETATM 417 H H5     . BOG B 2 .  ? -5.673  -2.558 -6.977 1.00 51.49  ? 101 BOG A H5     1 
HETATM 418 H H61    . BOG B 2 .  ? -4.470  -3.548 -9.082 1.00 56.31  ? 101 BOG A H61    1 
HETATM 419 H H62    . BOG B 2 .  ? -5.983  -3.842 -9.367 1.00 56.31  ? 101 BOG A H62    1 
HETATM 420 H HO6    . BOG B 2 .  ? -5.816  -5.206 -7.863 1.00 57.70  ? 101 BOG A HO6    1 
HETATM 421 H "H1'1" . BOG B 2 .  ? -2.920  0.447  -6.277 1.00 65.97  ? 101 BOG A "H1'1" 1 
HETATM 422 H "H1'2" . BOG B 2 .  ? -2.856  1.890  -6.768 1.00 65.97  ? 101 BOG A "H1'2" 1 
HETATM 423 H "H2'1" . BOG B 2 .  ? -1.281  -0.228 -7.695 1.00 69.76  ? 101 BOG A "H2'1" 1 
HETATM 424 H "H2'2" . BOG B 2 .  ? -1.842  0.596  -8.850 1.00 69.76  ? 101 BOG A "H2'2" 1 
HETATM 425 H "H3'1" . BOG B 2 .  ? -0.941  2.598  -7.748 1.00 70.57  ? 101 BOG A "H3'1" 1 
HETATM 426 H "H3'2" . BOG B 2 .  ? 0.114   1.695  -8.353 1.00 70.57  ? 101 BOG A "H3'2" 1 
HETATM 427 H "H4'1" . BOG B 2 .  ? 0.207   0.635  -6.071 1.00 68.17  ? 101 BOG A "H4'1" 1 
HETATM 428 H "H4'2" . BOG B 2 .  ? -0.508  1.914  -5.602 1.00 68.17  ? 101 BOG A "H4'2" 1 
HETATM 429 H "H5'1" . BOG B 2 .  ? 1.342   3.175  -6.706 1.00 69.21  ? 101 BOG A "H5'1" 1 
HETATM 430 H "H5'2" . BOG B 2 .  ? 1.674   2.540  -5.357 1.00 69.21  ? 101 BOG A "H5'2" 1 
HETATM 431 H "H6'1" . BOG B 2 .  ? 2.446   0.546  -6.644 1.00 73.86  ? 101 BOG A "H6'1" 1 
HETATM 432 H "H6'2" . BOG B 2 .  ? 2.368   1.430  -7.892 1.00 73.86  ? 101 BOG A "H6'2" 1 
HETATM 433 C C1     . BOG C 2 .  ? 21.109  -0.250 7.199  1.00 79.94  ? 102 BOG A C1     1 
HETATM 434 O O1     . BOG C 2 .  ? 20.378  -1.430 7.335  1.00 75.78  ? 102 BOG A O1     1 
HETATM 435 C C2     . BOG C 2 .  ? 22.477  -0.622 6.600  1.00 80.30  ? 102 BOG A C2     1 
HETATM 436 O O2     . BOG C 2 .  ? 23.221  -1.384 7.518  1.00 76.19  ? 102 BOG A O2     1 
HETATM 437 C C3     . BOG C 2 .  ? 23.267  0.702  6.415  1.00 83.22  ? 102 BOG A C3     1 
HETATM 438 O O3     . BOG C 2 .  ? 23.710  0.826  5.069  1.00 86.68  ? 102 BOG A O3     1 
HETATM 439 C C4     . BOG C 2 .  ? 22.417  2.005  6.637  1.00 84.17  ? 102 BOG A C4     1 
HETATM 440 O O4     . BOG C 2 .  ? 22.452  2.328  8.023  1.00 85.08  ? 102 BOG A O4     1 
HETATM 441 C C5     . BOG C 2 .  ? 20.878  1.860  6.276  1.00 82.03  ? 102 BOG A C5     1 
HETATM 442 O O5     . BOG C 2 .  ? 20.471  0.523  6.212  1.00 79.67  ? 102 BOG A O5     1 
HETATM 443 C C6     . BOG C 2 .  ? 20.634  2.470  4.845  1.00 82.12  ? 102 BOG A C6     1 
HETATM 444 O O6     . BOG C 2 .  ? 20.095  3.770  5.021  1.00 80.59  ? 102 BOG A O6     1 
HETATM 445 C "C1'"  . BOG C 2 .  ? 19.068  -1.171 7.784  1.00 71.90  ? 102 BOG A "C1'"  1 
HETATM 446 C "C2'"  . BOG C 2 .  ? 18.903  -1.841 9.159  1.00 66.46  ? 102 BOG A "C2'"  1 
HETATM 447 C "C3'"  . BOG C 2 .  ? 17.447  -2.276 9.279  1.00 62.30  ? 102 BOG A "C3'"  1 
HETATM 448 C "C4'"  . BOG C 2 .  ? 17.268  -3.630 8.625  1.00 57.59  ? 102 BOG A "C4'"  1 
HETATM 449 C "C5'"  . BOG C 2 .  ? 15.806  -3.940 8.424  1.00 59.81  ? 102 BOG A "C5'"  1 
HETATM 450 C "C6'"  . BOG C 2 .  ? 15.661  -5.369 7.948  1.00 59.21  ? 102 BOG A "C6'"  1 
HETATM 451 C "C7'"  . BOG C 2 .  ? 14.230  -5.637 7.524  1.00 62.45  ? 102 BOG A "C7'"  1 
HETATM 452 C "C8'"  . BOG C 2 .  ? 13.324  -5.768 8.730  1.00 65.23  ? 102 BOG A "C8'"  1 
HETATM 453 H H1     . BOG C 2 .  ? 21.212  0.204  8.050  1.00 95.89  ? 102 BOG A H1     1 
HETATM 454 H H2     . BOG C 2 .  ? 22.374  -1.087 5.762  1.00 96.32  ? 102 BOG A H2     1 
HETATM 455 H HO2    . BOG C 2 .  ? 24.019  -1.423 7.227  1.00 91.39  ? 102 BOG A HO2    1 
HETATM 456 H H3     . BOG C 2 .  ? 24.022  0.713  7.024  1.00 99.82  ? 102 BOG A H3     1 
HETATM 457 H HO3    . BOG C 2 .  ? 24.525  1.066  5.094  1.00 103.98 ? 102 BOG A HO3    1 
HETATM 458 H H4     . BOG C 2 .  ? 22.802  2.717  6.102  1.00 100.96 ? 102 BOG A H4     1 
HETATM 459 H HO4    . BOG C 2 .  ? 22.863  3.068  8.105  1.00 102.05 ? 102 BOG A HO4    1 
HETATM 460 H H5     . BOG C 2 .  ? 20.335  2.353  6.909  1.00 98.39  ? 102 BOG A H5     1 
HETATM 461 H H61    . BOG C 2 .  ? 20.025  1.892  4.364  1.00 98.50  ? 102 BOG A H61    1 
HETATM 462 H H62    . BOG C 2 .  ? 21.450  2.489  4.320  1.00 98.50  ? 102 BOG A H62    1 
HETATM 463 H HO6    . BOG C 2 .  ? 19.299  3.748  4.724  1.00 96.66  ? 102 BOG A HO6    1 
HETATM 464 H "H1'1" . BOG C 2 .  ? 18.915  -0.216 7.837  1.00 86.23  ? 102 BOG A "H1'1" 1 
HETATM 465 H "H1'2" . BOG C 2 .  ? 18.403  -1.510 7.165  1.00 86.23  ? 102 BOG A "H1'2" 1 
HETATM 466 H "H2'1" . BOG C 2 .  ? 19.152  -1.237 9.875  1.00 79.70  ? 102 BOG A "H2'1" 1 
HETATM 467 H "H2'2" . BOG C 2 .  ? 19.508  -2.592 9.259  1.00 79.70  ? 102 BOG A "H2'2" 1 
HETATM 468 H "H3'1" . BOG C 2 .  ? 17.176  -2.309 10.210 1.00 74.71  ? 102 BOG A "H3'1" 1 
HETATM 469 H "H3'2" . BOG C 2 .  ? 16.858  -1.617 8.879  1.00 74.71  ? 102 BOG A "H3'2" 1 
HETATM 470 H "H4'1" . BOG C 2 .  ? 17.692  -4.319 9.158  1.00 69.07  ? 102 BOG A "H4'1" 1 
HETATM 471 H "H4'2" . BOG C 2 .  ? 17.741  -3.649 7.778  1.00 69.07  ? 102 BOG A "H4'2" 1 
HETATM 472 H "H5'1" . BOG C 2 .  ? 15.410  -3.321 7.790  1.00 71.72  ? 102 BOG A "H5'1" 1 
HETATM 473 H "H5'2" . BOG C 2 .  ? 15.308  -3.792 9.242  1.00 71.72  ? 102 BOG A "H5'2" 1 
HETATM 474 H "H6'1" . BOG C 2 .  ? 15.933  -5.987 8.645  1.00 71.01  ? 102 BOG A "H6'1" 1 
HETATM 475 H "H6'2" . BOG C 2 .  ? 16.270  -5.544 7.219  1.00 71.01  ? 102 BOG A "H6'2" 1 
HETATM 476 H "H7'1" . BOG C 2 .  ? 13.912  -4.930 6.941  1.00 74.89  ? 102 BOG A "H7'1" 1 
HETATM 477 H "H7'2" . BOG C 2 .  ? 14.184  -6.437 6.977  1.00 74.89  ? 102 BOG A "H7'2" 1 
HETATM 478 H "H8'1" . BOG C 2 .  ? 13.289  -4.948 9.247  1.00 78.23  ? 102 BOG A "H8'1" 1 
HETATM 479 H "H8'2" . BOG C 2 .  ? 12.411  -5.980 8.483  1.00 78.23  ? 102 BOG A "H8'2" 1 
HETATM 480 H "H8'3" . BOG C 2 .  ? 13.617  -6.468 9.335  1.00 78.23  ? 102 BOG A "H8'3" 1 
HETATM 481 C "C1'"  . BOG D 2 .  ? -4.968  -7.783 4.695  1.00 41.27  ? 103 BOG A "C1'"  1 
HETATM 482 C "C2'"  . BOG D 2 .  ? -4.790  -8.599 5.973  1.00 29.34  ? 103 BOG A "C2'"  1 
HETATM 483 C "C3'"  . BOG D 2 .  ? -3.937  -7.775 6.853  1.00 37.68  ? 103 BOG A "C3'"  1 
HETATM 484 C "C4'"  . BOG D 2 .  ? -4.803  -6.708 7.541  1.00 38.08  ? 103 BOG A "C4'"  1 
HETATM 485 C "C5'"  . BOG D 2 .  ? -3.973  -5.807 8.404  1.00 34.05  ? 103 BOG A "C5'"  1 
HETATM 486 C "C6'"  . BOG D 2 .  ? -2.649  -5.423 7.813  1.00 34.91  ? 103 BOG A "C6'"  1 
HETATM 487 C "C7'"  . BOG D 2 .  ? -1.599  -6.421 8.379  1.00 37.40  ? 103 BOG A "C7'"  1 
HETATM 488 C "C8'"  . BOG D 2 .  ? -0.780  -5.684 9.379  1.00 37.56  ? 103 BOG A "C8'"  1 
HETATM 489 C C1     . MPD E 3 .  ? 20.739  -3.230 1.455  0.50 39.50  ? 104 MPD A C1     1 
HETATM 490 C C2     . MPD E 3 .  ? 20.872  -1.797 1.956  0.50 34.95  ? 104 MPD A C2     1 
HETATM 491 O O2     . MPD E 3 .  ? 19.850  -0.955 1.360  0.50 34.02  ? 104 MPD A O2     1 
HETATM 492 C CM     . MPD E 3 .  ? 20.674  -1.788 3.468  0.50 42.54  ? 104 MPD A CM     1 
HETATM 493 C C3     . MPD E 3 .  ? 22.255  -1.233 1.651  0.50 35.61  ? 104 MPD A C3     1 
HETATM 494 C C4     . MPD E 3 .  ? 22.436  -0.839 0.191  0.50 41.63  ? 104 MPD A C4     1 
HETATM 495 O O4     . MPD E 3 .  ? 21.233  -0.323 -0.321 0.50 44.89  ? 104 MPD A O4     1 
HETATM 496 C C5     . MPD E 3 .  ? 23.540  0.202  0.045  0.50 42.60  ? 104 MPD A C5     1 
HETATM 497 H H11    . MPD E 3 .  ? 21.592  -3.468 0.821  0.50 47.36  ? 104 MPD A H11    1 
HETATM 498 H H12    . MPD E 3 .  ? 19.818  -3.330 0.881  0.50 47.36  ? 104 MPD A H12    1 
HETATM 499 H H13    . MPD E 3 .  ? 20.718  -3.921 2.298  0.50 47.36  ? 104 MPD A H13    1 
HETATM 500 H HO2    . MPD E 3 .  ? 20.243  -0.105 1.071  0.50 40.78  ? 104 MPD A HO2    1 
HETATM 501 H HM1    . MPD E 3 .  ? 21.632  -1.972 3.952  0.50 51.00  ? 104 MPD A HM1    1 
HETATM 502 H HM2    . MPD E 3 .  ? 20.300  -0.811 3.776  0.50 51.00  ? 104 MPD A HM2    1 
HETATM 503 H HM3    . MPD E 3 .  ? 19.958  -2.555 3.760  0.50 51.00  ? 104 MPD A HM3    1 
HETATM 504 H H31    . MPD E 3 .  ? 23.007  -1.975 1.915  0.50 42.69  ? 104 MPD A H31    1 
HETATM 505 H H32    . MPD E 3 .  ? 22.418  -0.362 2.286  0.50 42.69  ? 104 MPD A H32    1 
HETATM 506 H H4     . MPD E 3 .  ? 22.721  -1.727 -0.373 0.50 49.92  ? 104 MPD A H4     1 
HETATM 507 H HO4    . MPD E 3 .  ? 21.339  -0.132 -1.276 0.50 53.83  ? 104 MPD A HO4    1 
HETATM 508 H H51    . MPD E 3 .  ? 23.170  1.020  -0.570 0.50 51.08  ? 104 MPD A H51    1 
HETATM 509 H H52    . MPD E 3 .  ? 23.835  0.585  1.021  0.50 51.08  ? 104 MPD A H52    1 
HETATM 510 H H53    . MPD E 3 .  ? 24.404  -0.253 -0.440 0.50 51.08  ? 104 MPD A H53    1 
HETATM 511 O O      . HOH F 4 .  ? -14.888 3.144  -6.823 1.00 55.62  ? 201 HOH A O      1 
HETATM 512 O O      . HOH F 4 .  ? -17.064 -3.820 -3.591 1.00 38.79  ? 202 HOH A O      1 
HETATM 513 O O      . HOH F 4 .  ? 17.242  -1.903 1.271  1.00 29.92  ? 203 HOH A O      1 
HETATM 514 O O      . HOH F 4 .  ? -1.151  -4.486 -1.306 1.00 27.65  ? 204 HOH A O      1 
# 
loop_
_atom_site_anisotrop.id 
_atom_site_anisotrop.type_symbol 
_atom_site_anisotrop.pdbx_label_atom_id 
_atom_site_anisotrop.pdbx_label_alt_id 
_atom_site_anisotrop.pdbx_label_comp_id 
_atom_site_anisotrop.pdbx_label_asym_id 
_atom_site_anisotrop.pdbx_label_seq_id 
_atom_site_anisotrop.pdbx_PDB_ins_code 
_atom_site_anisotrop.U[1][1] 
_atom_site_anisotrop.U[2][2] 
_atom_site_anisotrop.U[3][3] 
_atom_site_anisotrop.U[1][2] 
_atom_site_anisotrop.U[1][3] 
_atom_site_anisotrop.U[2][3] 
_atom_site_anisotrop.pdbx_auth_seq_id 
_atom_site_anisotrop.pdbx_auth_comp_id 
_atom_site_anisotrop.pdbx_auth_asym_id 
_atom_site_anisotrop.pdbx_auth_atom_id 
1   C C     . ACE A 1  ? 0.3201 0.3162 0.4116 0.0223  0.0780  0.0497  24  ACE A C     
2   O O     . ACE A 1  ? 0.4064 0.3924 0.3333 0.0511  0.0716  0.0489  24  ACE A O     
3   C CH3   . ACE A 1  ? 0.3376 0.3890 0.4499 0.0210  0.0466  0.0584  24  ACE A CH3   
4   N N     . PRO A 2  ? 0.2454 0.3264 0.3979 -0.0044 0.0989  0.0587  25  PRO A N     
5   C CA    . PRO A 2  ? 0.2621 0.3270 0.4071 -0.0006 0.1091  0.0568  25  PRO A CA    
6   C C     . PRO A 2  ? 0.2467 0.3001 0.3630 0.0097  0.1131  0.0634  25  PRO A C     
7   O O     . PRO A 2  ? 0.2505 0.2963 0.3543 0.0109  0.1147  0.0631  25  PRO A O     
8   C CB    . PRO A 2  ? 0.2556 0.3190 0.4351 0.0000  0.1216  0.0637  25  PRO A CB    
9   C CG    . PRO A 2  ? 0.2665 0.3393 0.4569 0.0008  0.1213  0.0671  25  PRO A CG    
10  C CD    . PRO A 2  ? 0.2400 0.3268 0.4231 -0.0057 0.1043  0.0603  25  PRO A CD    
18  N N     . LEU A 3  ? 0.2651 0.3219 0.3796 0.0172  0.1141  0.0644  26  LEU A N     
19  C CA    . LEU A 3  ? 0.2786 0.3350 0.3726 0.0266  0.1157  0.0594  26  LEU A CA    
20  C C     . LEU A 3  ? 0.2480 0.2951 0.3313 0.0238  0.1022  0.0559  26  LEU A C     
21  O O     . LEU A 3  ? 0.2587 0.3020 0.3219 0.0287  0.1027  0.0517  26  LEU A O     
22  C CB    . LEU A 3  ? 0.2653 0.3368 0.3759 0.0356  0.1196  0.0485  26  LEU A CB    
23  C CG    . LEU A 3  ? 0.3510 0.4453 0.4697 0.0393  0.1354  0.0527  26  LEU A CG    
24  C CD1   . LEU A 3  ? 0.3516 0.4655 0.4977 0.0470  0.1369  0.0322  26  LEU A CD1   
25  C CD2   . LEU A 3  ? 0.4138 0.5301 0.5071 0.0441  0.1477  0.0640  26  LEU A CD2   
37  N N     . VAL A 4  ? 0.2414 0.2931 0.3407 0.0156  0.0896  0.0617  27  VAL A N     
38  C CA    . VAL A 4  ? 0.2482 0.3037 0.3420 0.0103  0.0769  0.0676  27  VAL A CA    
39  C C     . VAL A 4  ? 0.2612 0.3163 0.3266 0.0062  0.0799  0.0617  27  VAL A C     
40  O O     . VAL A 4  ? 0.2889 0.3377 0.3390 0.0082  0.0774  0.0601  27  VAL A O     
41  C CB    . VAL A 4  ? 0.2334 0.3143 0.3521 0.0002  0.0632  0.0855  27  VAL A CB    
42  C CG1   . VAL A 4  ? 0.2992 0.4008 0.4117 -0.0074 0.0514  0.0997  27  VAL A CG1   
43  C CG2   . VAL A 4  ? 0.2703 0.3486 0.4362 0.0052  0.0577  0.0938  27  VAL A CG2   
53  N N     . VAL A 5  ? 0.2449 0.3079 0.3140 0.0003  0.0849  0.0549  28  VAL A N     
54  C CA    . VAL A 5  ? 0.2510 0.3158 0.3136 -0.0034 0.0874  0.0422  28  VAL A CA    
55  C C     . VAL A 5  ? 0.2490 0.2888 0.3021 0.0064  0.0964  0.0455  28  VAL A C     
56  O O     . VAL A 5  ? 0.2712 0.3070 0.3120 0.0070  0.0944  0.0414  28  VAL A O     
57  C CB    . VAL A 5  ? 0.2614 0.3416 0.3530 -0.0108 0.0902  0.0266  28  VAL A CB    
58  C CG1   . VAL A 5  ? 0.2908 0.3719 0.3988 -0.0132 0.0931  0.0061  28  VAL A CG1   
59  C CG2   . VAL A 5  ? 0.2762 0.4003 0.3716 -0.0214 0.0791  0.0218  28  VAL A CG2   
69  N N     . ALA A 6  ? 0.2551 0.2874 0.3145 0.0137  0.1062  0.0557  29  ALA A N     
70  C CA    . ALA A 6  ? 0.2991 0.3272 0.3500 0.0219  0.1140  0.0664  29  ALA A CA    
71  C C     . ALA A 6  ? 0.2582 0.2861 0.2791 0.0283  0.1086  0.0615  29  ALA A C     
72  O O     . ALA A 6  ? 0.2859 0.3110 0.2962 0.0310  0.1083  0.0642  29  ALA A O     
73  C CB    . ALA A 6  ? 0.2784 0.3205 0.3395 0.0275  0.1258  0.0823  29  ALA A CB    
79  N N     . ALA A 7  ? 0.2615 0.2933 0.2800 0.0310  0.1033  0.0533  30  ALA A N     
80  C CA    . ALA A 7  ? 0.2615 0.2936 0.2700 0.0368  0.0964  0.0431  30  ALA A CA    
81  C C     . ALA A 7  ? 0.2859 0.3074 0.2877 0.0304  0.0868  0.0440  30  ALA A C     
82  O O     . ALA A 7  ? 0.2872 0.3067 0.2762 0.0348  0.0845  0.0394  30  ALA A O     
83  C CB    . ALA A 7  ? 0.3166 0.3535 0.3519 0.0400  0.0907  0.0319  30  ALA A CB    
89  N N     . SER A 8  ? 0.2889 0.3142 0.2991 0.0197  0.0815  0.0491  31  SER A N     
90  C CA    A SER A 8  ? 0.2533 0.2861 0.2568 0.0126  0.0738  0.0498  31  SER A CA    
91  C CA    B SER A 8  ? 0.2725 0.3053 0.2760 0.0126  0.0738  0.0498  31  SER A CA    
92  C C     . SER A 8  ? 0.3063 0.3330 0.2976 0.0135  0.0796  0.0417  31  SER A C     
93  O O     . SER A 8  ? 0.2806 0.3069 0.2625 0.0136  0.0756  0.0395  31  SER A O     
94  C CB    A SER A 8  ? 0.2749 0.3370 0.2883 0.0003  0.0676  0.0553  31  SER A CB    
95  C CB    B SER A 8  ? 0.2933 0.3556 0.3067 0.0002  0.0673  0.0557  31  SER A CB    
96  O OG    A SER A 8  ? 0.2332 0.3031 0.2693 -0.0010 0.0605  0.0707  31  SER A OG    
97  O OG    B SER A 8  ? 0.3304 0.4021 0.3490 -0.0043 0.0735  0.0441  31  SER A OG    
106 N N     . ILE A 9  ? 0.2710 0.2940 0.2745 0.0138  0.0882  0.0393  32  ILE A N     
107 C CA    . ILE A 9  ? 0.2847 0.3011 0.3000 0.0149  0.0926  0.0352  32  ILE A CA    
108 C C     . ILE A 9  ? 0.3057 0.3129 0.3040 0.0250  0.0940  0.0471  32  ILE A C     
109 O O     . ILE A 9  ? 0.3020 0.3060 0.2990 0.0260  0.0916  0.0443  32  ILE A O     
110 C CB    . ILE A 9  ? 0.2697 0.2841 0.3253 0.0131  0.1004  0.0358  32  ILE A CB    
111 C CG1   . ILE A 9  ? 0.2776 0.3128 0.3554 0.0022  0.0970  0.0109  32  ILE A CG1   
112 C CG2   . ILE A 9  ? 0.2747 0.2794 0.3630 0.0169  0.1045  0.0438  32  ILE A CG2   
113 C CD1   . ILE A 9  ? 0.2759 0.3112 0.4021 -0.0007 0.1024  0.0058  32  ILE A CD1   
125 N N     . ILE A 10 ? 0.2864 0.2990 0.2729 0.0326  0.0976  0.0572  33  ILE A N     
126 C CA    . ILE A 10 ? 0.3389 0.3627 0.3067 0.0422  0.0981  0.0635  33  ILE A CA    
127 C C     . ILE A 10 ? 0.2984 0.3176 0.2507 0.0433  0.0881  0.0480  33  ILE A C     
128 O O     . ILE A 10 ? 0.3267 0.3487 0.2700 0.0471  0.0854  0.0491  33  ILE A O     
129 C CB    . ILE A 10 ? 0.3193 0.3701 0.2801 0.0495  0.1051  0.0689  33  ILE A CB    
130 C CG1   . ILE A 10 ? 0.3592 0.4207 0.3426 0.0482  0.1155  0.0966  33  ILE A CG1   
131 C CG2   . ILE A 10 ? 0.3518 0.4323 0.2904 0.0588  0.1030  0.0617  33  ILE A CG2   
132 C CD1   . ILE A 10 ? 0.3680 0.4621 0.3497 0.0522  0.1248  0.1038  33  ILE A CD1   
144 N N     . ALA A 11 ? 0.3108 0.3242 0.2694 0.0390  0.0814  0.0381  34  ALA A N     
145 C CA    . ALA A 11 ? 0.3348 0.3455 0.2961 0.0389  0.0711  0.0299  34  ALA A CA    
146 C C     . ALA A 11 ? 0.3095 0.3156 0.2651 0.0327  0.0681  0.0328  34  ALA A C     
147 O O     . ALA A 11 ? 0.3300 0.3348 0.2815 0.0357  0.0631  0.0285  34  ALA A O     
148 C CB    . ALA A 11 ? 0.3179 0.3285 0.3060 0.0338  0.0635  0.0314  34  ALA A CB    
154 N N     . ILE A 12 ? 0.2630 0.2734 0.2230 0.0240  0.0712  0.0349  35  ILE A N     
155 C CA    . ILE A 12 ? 0.2653 0.2843 0.2261 0.0177  0.0695  0.0288  35  ILE A CA    
156 C C     . ILE A 12 ? 0.3084 0.3160 0.2718 0.0241  0.0739  0.0263  35  ILE A C     
157 O O     . ILE A 12 ? 0.2916 0.3002 0.2534 0.0243  0.0707  0.0220  35  ILE A O     
158 C CB    . ILE A 12 ? 0.2447 0.2889 0.2167 0.0067  0.0712  0.0205  35  ILE A CB    
159 C CG1   . ILE A 12 ? 0.2574 0.3261 0.2293 -0.0010 0.0639  0.0336  35  ILE A CG1   
160 C CG2   . ILE A 12 ? 0.2528 0.3180 0.2324 0.0012  0.0722  0.0025  35  ILE A CG2   
161 C CD1   . ILE A 12 ? 0.3510 0.4566 0.3312 -0.0111 0.0650  0.0257  35  ILE A CD1   
173 N N     . LEU A 13 ? 0.2865 0.2873 0.2611 0.0291  0.0807  0.0348  36  LEU A N     
174 C CA    A LEU A 13 ? 0.2972 0.2942 0.2864 0.0352  0.0831  0.0456  36  LEU A CA    
175 C CA    B LEU A 13 ? 0.3053 0.3023 0.2947 0.0352  0.0831  0.0456  36  LEU A CA    
176 C C     . LEU A 13 ? 0.2842 0.2868 0.2467 0.0434  0.0778  0.0513  36  LEU A C     
177 O O     . LEU A 13 ? 0.3005 0.3024 0.2688 0.0458  0.0746  0.0532  36  LEU A O     
178 C CB    A LEU A 13 ? 0.3231 0.3227 0.3372 0.0384  0.0906  0.0667  36  LEU A CB    
179 C CB    B LEU A 13 ? 0.2687 0.2684 0.2827 0.0385  0.0907  0.0668  36  LEU A CB    
180 C CG    A LEU A 13 ? 0.2797 0.2873 0.3167 0.0450  0.0915  0.0942  36  LEU A CG    
181 C CG    B LEU A 13 ? 0.3972 0.3911 0.4626 0.0317  0.0956  0.0610  36  LEU A CG    
182 C CD1   A LEU A 13 ? 0.2773 0.2721 0.3610 0.0419  0.0894  0.0849  36  LEU A CD1   
183 C CD1   B LEU A 13 ? 0.5399 0.5393 0.6227 0.0338  0.1028  0.0856  36  LEU A CD1   
184 C CD2   A LEU A 13 ? 0.2895 0.3118 0.3543 0.0470  0.0990  0.1268  36  LEU A CD2   
185 C CD2   B LEU A 13 ? 0.4766 0.4648 0.5982 0.0314  0.0952  0.0589  36  LEU A CD2   
207 N N     . HIS A 14 ? 0.3259 0.3387 0.2664 0.0482  0.0762  0.0493  37  HIS A N     
208 C CA    . HIS A 14 ? 0.2987 0.3267 0.2219 0.0559  0.0700  0.0425  37  HIS A CA    
209 C C     . HIS A 14 ? 0.3097 0.3240 0.2354 0.0521  0.0614  0.0298  37  HIS A C     
210 O O     . HIS A 14 ? 0.3285 0.3491 0.2498 0.0564  0.0566  0.0285  37  HIS A O     
211 C CB    . HIS A 14 ? 0.3098 0.3566 0.2255 0.0612  0.0692  0.0279  37  HIS A CB    
212 C CG    . HIS A 14 ? 0.3588 0.4276 0.2696 0.0686  0.0610  0.0069  37  HIS A CG    
213 N ND1   . HIS A 14 ? 0.3819 0.4387 0.3146 0.0673  0.0516  -0.0161 37  HIS A ND1   
214 C CD2   . HIS A 14 ? 0.3910 0.4989 0.2861 0.0766  0.0594  0.0059  37  HIS A CD2   
215 C CE1   . HIS A 14 ? 0.4058 0.4890 0.3400 0.0749  0.0448  -0.0384 37  HIS A CE1   
216 N NE2   . HIS A 14 ? 0.3782 0.4968 0.2834 0.0807  0.0493  -0.0268 37  HIS A NE2   
224 N N     . LEU A 15 ? 0.3024 0.3062 0.2373 0.0436  0.0588  0.0243  38  LEU A N     
225 C CA    . LEU A 15 ? 0.2876 0.2898 0.2300 0.0380  0.0518  0.0206  38  LEU A CA    
226 C C     . LEU A 15 ? 0.2990 0.3009 0.2417 0.0365  0.0543  0.0204  38  LEU A C     
227 O O     . LEU A 15 ? 0.3268 0.3293 0.2702 0.0385  0.0491  0.0172  38  LEU A O     
228 C CB    . LEU A 15 ? 0.3175 0.3272 0.2729 0.0270  0.0497  0.0270  38  LEU A CB    
229 C CG    . LEU A 15 ? 0.3520 0.3778 0.3184 0.0180  0.0441  0.0336  38  LEU A CG    
230 C CD1   . LEU A 15 ? 0.3421 0.3604 0.3290 0.0222  0.0344  0.0337  38  LEU A CD1   
231 C CD2   . LEU A 15 ? 0.3257 0.3796 0.3028 0.0060  0.0427  0.0489  38  LEU A CD2   
243 N N     . ALA A 16 ? 0.2910 0.2935 0.2442 0.0328  0.0617  0.0202  39  ALA A N     
244 C CA    . ALA A 16 ? 0.2748 0.2787 0.2481 0.0318  0.0640  0.0132  39  ALA A CA    
245 C C     . ALA A 16 ? 0.3162 0.3135 0.2928 0.0417  0.0614  0.0254  39  ALA A C     
246 O O     . ALA A 16 ? 0.3126 0.3108 0.2977 0.0427  0.0578  0.0210  39  ALA A O     
247 C CB    . ALA A 16 ? 0.3045 0.3119 0.3095 0.0272  0.0714  0.0039  39  ALA A CB    
253 N N     . LEU A 17 ? 0.3112 0.3116 0.2818 0.0490  0.0629  0.0435  40  LEU A N     
254 C CA    . LEU A 17 ? 0.3410 0.3547 0.3138 0.0577  0.0595  0.0629  40  LEU A CA    
255 C C     . LEU A 17 ? 0.3062 0.3314 0.2519 0.0624  0.0503  0.0520  40  LEU A C     
256 O O     . LEU A 17 ? 0.3603 0.3945 0.3126 0.0666  0.0449  0.0589  40  LEU A O     
257 C CB    . LEU A 17 ? 0.3466 0.3821 0.3169 0.0629  0.0640  0.0886  40  LEU A CB    
258 C CG    . LEU A 17 ? 0.3599 0.3854 0.3755 0.0590  0.0721  0.1059  40  LEU A CG    
259 C CD1   . LEU A 17 ? 0.3896 0.4435 0.3982 0.0628  0.0775  0.1340  40  LEU A CD1   
260 C CD2   . LEU A 17 ? 0.4428 0.4631 0.5171 0.0596  0.0706  0.1229  40  LEU A CD2   
272 N N     . TRP A 18 ? 0.3317 0.3585 0.2581 0.0618  0.0474  0.0344  41  TRP A N     
273 C CA    . TRP A 18 ? 0.3044 0.3412 0.2242 0.0655  0.0374  0.0167  41  TRP A CA    
274 C C     . TRP A 18 ? 0.3542 0.3756 0.2873 0.0605  0.0330  0.0122  41  TRP A C     
275 O O     . TRP A 18 ? 0.3390 0.3708 0.2733 0.0651  0.0255  0.0077  41  TRP A O     
276 C CB    . TRP A 18 ? 0.3443 0.3794 0.2690 0.0642  0.0349  -0.0017 41  TRP A CB    
277 C CG    . TRP A 18 ? 0.3679 0.4156 0.3079 0.0687  0.0238  -0.0269 41  TRP A CG    
278 C CD1   . TRP A 18 ? 0.4104 0.4944 0.3497 0.0780  0.0196  -0.0517 41  TRP A CD1   
279 C CD2   . TRP A 18 ? 0.3505 0.3829 0.3190 0.0636  0.0152  -0.0339 41  TRP A CD2   
280 N NE1   . TRP A 18 ? 0.3466 0.4341 0.3196 0.0796  0.0079  -0.0801 41  TRP A NE1   
281 C CE2   . TRP A 18 ? 0.3329 0.3850 0.3267 0.0705  0.0049  -0.0647 41  TRP A CE2   
282 C CE3   . TRP A 18 ? 0.3589 0.3730 0.3395 0.0534  0.0155  -0.0182 41  TRP A CE3   
283 C CZ2   . TRP A 18 ? 0.3711 0.4144 0.4103 0.0675  -0.0060 -0.0758 41  TRP A CZ2   
284 C CZ3   . TRP A 18 ? 0.3398 0.3519 0.3563 0.0500  0.0059  -0.0228 41  TRP A CZ3   
285 C CH2   . TRP A 18 ? 0.3619 0.3832 0.4116 0.0570  -0.0051 -0.0494 41  TRP A CH2   
296 N N     . ILE A 19 ? 0.3282 0.3353 0.2720 0.0506  0.0375  0.0124  42  ILE A N     
297 C CA    . ILE A 19 ? 0.3197 0.3264 0.2763 0.0448  0.0355  0.0078  42  ILE A CA    
298 C C     . ILE A 19 ? 0.3487 0.3555 0.3175 0.0492  0.0370  0.0109  42  ILE A C     
299 O O     . ILE A 19 ? 0.3381 0.3481 0.3134 0.0514  0.0311  0.0077  42  ILE A O     
300 C CB    . ILE A 19 ? 0.2947 0.3099 0.2581 0.0327  0.0411  0.0065  42  ILE A CB    
301 C CG1   . ILE A 19 ? 0.3132 0.3319 0.2788 0.0282  0.0364  0.0135  42  ILE A CG1   
302 C CG2   . ILE A 19 ? 0.3343 0.3667 0.3108 0.0262  0.0420  -0.0001 42  ILE A CG2   
303 C CD1   . ILE A 19 ? 0.3218 0.3637 0.2909 0.0162  0.0406  0.0207  42  ILE A CD1   
315 N N     . LEU A 20 ? 0.3029 0.3065 0.2861 0.0505  0.0436  0.0188  43  LEU A N     
316 C CA    . LEU A 20 ? 0.3402 0.3433 0.3579 0.0546  0.0439  0.0268  43  LEU A CA    
317 C C     . LEU A 20 ? 0.3609 0.3757 0.3710 0.0638  0.0348  0.0431  43  LEU A C     
318 O O     . LEU A 20 ? 0.3611 0.3770 0.3931 0.0656  0.0308  0.0432  43  LEU A O     
319 C CB    . LEU A 20 ? 0.3126 0.3113 0.3649 0.0551  0.0507  0.0395  43  LEU A CB    
320 C CG    . LEU A 20 ? 0.3798 0.3759 0.4988 0.0580  0.0510  0.0499  43  LEU A CG    
321 C CD1   . LEU A 20 ? 0.3648 0.3601 0.5209 0.0525  0.0536  0.0149  43  LEU A CD1   
322 C CD2   . LEU A 20 ? 0.4512 0.4441 0.6171 0.0587  0.0559  0.0705  43  LEU A CD2   
334 N N     . ASP A 21 ? 0.3444 0.3772 0.3250 0.0696  0.0314  0.0540  44  ASP A N     
335 C CA    . ASP A 21 ? 0.3918 0.4574 0.3603 0.0784  0.0218  0.0659  44  ASP A CA    
336 C C     . ASP A 21 ? 0.3052 0.3695 0.2677 0.0785  0.0126  0.0428  44  ASP A C     
337 O O     . ASP A 21 ? 0.3931 0.4820 0.3580 0.0845  0.0036  0.0500  44  ASP A O     
338 C CB    . ASP A 21 ? 0.3609 0.4611 0.2970 0.0832  0.0216  0.0675  44  ASP A CB    
339 C CG    . ASP A 21 ? 0.4593 0.6203 0.3819 0.0922  0.0134  0.0841  44  ASP A CG    
340 O OD1   . ASP A 21 ? 0.5430 0.7167 0.4810 0.0950  0.0058  0.0992  44  ASP A OD1   
341 O OD2   . ASP A 21 ? 0.6723 0.8786 0.5689 0.0963  0.0143  0.0805  44  ASP A OD2   
346 N N     . ARG A 22 ? 0.4019 0.4442 0.3624 0.0714  0.0138  0.0196  45  ARG A N     
347 C CA    . ARG A 22 ? 0.3329 0.3759 0.2987 0.0704  0.0048  0.0013  45  ARG A CA    
348 C C     . ARG A 22 ? 0.4587 0.4865 0.4465 0.0631  0.0077  -0.0006 45  ARG A C     
349 O O     . ARG A 22 ? 0.4519 0.4818 0.4508 0.0614  0.0010  -0.0104 45  ARG A O     
350 C CB    . ARG A 22 ? 0.3949 0.4353 0.3605 0.0677  0.0017  -0.0169 45  ARG A CB    
351 C CG    . ARG A 22 ? 0.3686 0.4383 0.3197 0.0766  -0.0028 -0.0292 45  ARG A CG    
352 C CD    . ARG A 22 ? 0.3684 0.4336 0.3340 0.0747  -0.0037 -0.0488 45  ARG A CD    
353 N NE    . ARG A 22 ? 0.4043 0.5119 0.3592 0.0843  -0.0072 -0.0704 45  ARG A NE    
354 C CZ    . ARG A 22 ? 0.3622 0.4957 0.2874 0.0885  0.0006  -0.0572 45  ARG A CZ    
355 N NH1   . ARG A 22 ? 0.3693 0.4797 0.2819 0.0841  0.0112  -0.0232 45  ARG A NH1   
356 N NH2   . ARG A 22 ? 0.3858 0.5758 0.3011 0.0969  -0.0021 -0.0801 45  ARG A NH2   
370 N N     . LEU A 23 ? 0.3687 0.3883 0.3703 0.0590  0.0175  0.0048  46  LEU A N     
371 C CA    . LEU A 23 ? 0.3903 0.4112 0.4180 0.0532  0.0217  -0.0052 46  LEU A CA    
372 C C     . LEU A 23 ? 0.6153 0.6393 0.6651 0.0606  0.0149  0.0003  46  LEU A C     
373 O O     . LEU A 23 ? 0.8254 0.8546 0.8936 0.0579  0.0139  -0.0101 46  LEU A O     
374 C CB    . LEU A 23 ? 0.3809 0.4030 0.4297 0.0476  0.0335  -0.0136 46  LEU A CB    
375 C CG    . LEU A 23 ? 0.3728 0.4033 0.4017 0.0381  0.0397  -0.0196 46  LEU A CG    
376 C CD1   . LEU A 23 ? 0.5346 0.5749 0.5885 0.0336  0.0500  -0.0354 46  LEU A CD1   
377 C CD2   . LEU A 23 ? 0.5074 0.5602 0.5294 0.0287  0.0387  -0.0226 46  LEU A CD2   
389 N N     . NH2 A 24 ? 0.3757 0.5952 0.5266 0.1042  -0.0641 -0.0534 47  NH2 A N     
392 C C1    . BOG B .  ? 0.8396 0.5819 0.4464 0.2316  0.0964  0.2090  101 BOG A C1    
393 O O1    . BOG B .  ? 0.9737 0.6163 0.5824 0.1934  -0.0001 0.1943  101 BOG A O1    
394 C C2    . BOG B .  ? 0.8438 0.5958 0.4553 0.2333  0.0950  0.1925  101 BOG A C2    
395 O O2    . BOG B .  ? 0.8970 0.5975 0.5627 0.2961  0.0373  0.0282  101 BOG A O2    
396 C C3    . BOG B .  ? 0.7501 0.5077 0.5485 0.3340  0.0862  0.1340  101 BOG A C3    
397 O O3    . BOG B .  ? 0.6985 0.6427 0.4959 0.3257  0.1049  0.1290  101 BOG A O3    
398 C C4    . BOG B .  ? 0.7477 0.5525 0.5011 0.1304  0.1722  0.2726  101 BOG A C4    
399 O O4    . BOG B .  ? 0.5371 0.5823 0.5574 0.2068  0.2874  0.1944  101 BOG A O4    
400 C C5    . BOG B .  ? 0.7315 0.3930 0.5074 0.2532  0.1632  0.1458  101 BOG A C5    
401 O O5    . BOG B .  ? 0.7110 0.6231 0.4047 0.1835  0.2344  0.1707  101 BOG A O5    
402 C C6    . BOG B .  ? 0.7065 0.5890 0.4889 0.2571  0.1547  0.1187  101 BOG A C6    
403 O O6    . BOG B .  ? 0.6842 0.7366 0.4075 0.2632  0.1579  0.1380  101 BOG A O6    
404 C "C1'" . BOG B .  ? 1.0207 0.4280 0.6414 0.2480  -0.0488 0.1366  101 BOG A "C1'" 
405 C "C2'" . BOG B .  ? 1.0863 0.4554 0.6687 0.1939  -0.0337 0.0308  101 BOG A "C2'" 
406 C "C3'" . BOG B .  ? 1.1170 0.4872 0.6318 0.2064  -0.0305 -0.0648 101 BOG A "C3'" 
407 C "C4'" . BOG B .  ? 1.1083 0.4340 0.6175 0.2998  -0.0978 -0.0494 101 BOG A "C4'" 
408 C "C5'" . BOG B .  ? 1.1311 0.4813 0.5805 0.2672  -0.1314 -0.0050 101 BOG A "C5'" 
409 C "C6'" . BOG B .  ? 1.1749 0.6254 0.5397 0.1376  -0.1450 0.0950  101 BOG A "C6'" 
433 C C1    . BOG C .  ? 0.9669 0.9754 1.0953 0.0816  0.0263  -0.0215 102 BOG A C1    
434 O O1    . BOG C .  ? 0.9195 0.9173 1.0423 0.0596  0.0480  -0.0152 102 BOG A O1    
435 C C2    . BOG C .  ? 1.0246 0.9201 1.1065 0.1447  0.0107  -0.0761 102 BOG A C2    
436 O O2    . BOG C .  ? 1.0553 0.7183 1.1214 0.2672  -0.0145 -0.2013 102 BOG A O2    
437 C C3    . BOG C .  ? 1.0359 1.0090 1.1172 0.1135  0.0101  -0.0130 102 BOG A C3    
438 O O3    . BOG C .  ? 1.0821 1.0710 1.1405 0.0687  -0.0157 0.0361  102 BOG A O3    
439 C C4    . BOG C .  ? 1.0221 1.0369 1.1389 0.0976  0.0042  0.0173  102 BOG A C4    
440 O O4    . BOG C .  ? 1.0518 1.0149 1.1659 0.1097  -0.0082 -0.0013 102 BOG A O4    
441 C C5    . BOG C .  ? 0.9437 1.0504 1.1226 0.1103  0.0171  0.0377  102 BOG A C5    
442 O O5    . BOG C .  ? 0.9243 1.0010 1.1017 0.1200  0.0248  0.0054  102 BOG A O5    
443 C C6    . BOG C .  ? 0.9154 1.1027 1.1022 0.1001  0.0352  0.0647  102 BOG A C6    
444 O O6    . BOG C .  ? 0.8570 1.1003 1.1047 0.1238  0.0588  0.0725  102 BOG A O6    
445 C "C1'" . BOG C .  ? 0.8845 0.8935 0.9538 0.0639  0.0615  0.0088  102 BOG A "C1'" 
446 C "C2'" . BOG C .  ? 0.8403 0.8379 0.8470 0.1106  0.1062  -0.0222 102 BOG A "C2'" 
447 C "C3'" . BOG C .  ? 0.7649 0.8760 0.7261 0.0908  0.1729  0.0055  102 BOG A "C3'" 
448 C "C4'" . BOG C .  ? 0.6863 0.8687 0.6331 0.1443  0.2370  -0.0168 102 BOG A "C4'" 
449 C "C5'" . BOG C .  ? 0.7457 0.8843 0.6424 0.1320  0.1967  -0.0286 102 BOG A "C5'" 
450 C "C6'" . BOG C .  ? 0.7930 0.8949 0.5617 0.1334  0.1969  -0.0516 102 BOG A "C6'" 
451 C "C7'" . BOG C .  ? 0.8818 0.9460 0.5449 0.0837  0.1397  0.0075  102 BOG A "C7'" 
452 C "C8'" . BOG C .  ? 0.9357 0.9315 0.6113 0.0759  0.0688  0.0519  102 BOG A "C8'" 
481 C "C1'" . BOG D .  ? 0.7609 0.4181 0.3892 -0.0562 0.0116  -0.0674 103 BOG A "C1'" 
482 C "C2'" . BOG D .  ? 0.6407 0.2652 0.2088 0.0643  0.0617  0.0088  103 BOG A "C2'" 
483 C "C3'" . BOG D .  ? 0.6865 0.4117 0.3337 -0.0913 0.0699  0.0598  103 BOG A "C3'" 
484 C "C4'" . BOG D .  ? 0.5452 0.6006 0.3011 -0.1145 0.1970  -0.0508 103 BOG A "C4'" 
485 C "C5'" . BOG D .  ? 0.6126 0.4229 0.2584 -0.1027 0.1755  -0.0615 103 BOG A "C5'" 
486 C "C6'" . BOG D .  ? 0.5031 0.5698 0.2536 -0.0523 0.1745  0.0369  103 BOG A "C6'" 
487 C "C7'" . BOG D .  ? 0.3574 0.6319 0.4320 0.0183  0.0039  0.3009  103 BOG A "C7'" 
488 C "C8'" . BOG D .  ? 0.4068 0.5912 0.4291 0.0142  0.0036  0.2932  103 BOG A "C8'" 
489 C C1    . MPD E .  ? 0.2377 0.5770 0.6864 0.1319  -0.0688 -0.0046 104 MPD A C1    
490 C C2    . MPD E .  ? 0.2442 0.4938 0.5900 0.1318  0.0182  -0.0625 104 MPD A C2    
491 O O2    . MPD E .  ? 0.2688 0.3508 0.6733 0.0882  0.0013  -0.0814 104 MPD A O2    
492 C CM    . MPD E .  ? 0.3403 0.5794 0.6967 0.0525  -0.0676 -0.0093 104 MPD A CM    
493 C C3    . MPD E .  ? 0.2293 0.5240 0.5998 0.1634  -0.0093 -0.0169 104 MPD A C3    
494 C C4    . MPD E .  ? 0.3406 0.5648 0.6765 0.0344  -0.0349 0.0289  104 MPD A C4    
495 O O4    . MPD E .  ? 0.4106 0.5685 0.7266 0.0045  -0.0769 0.0749  104 MPD A O4    
496 C C5    . MPD E .  ? 0.3707 0.5629 0.6851 -0.0215 -0.0322 0.0332  104 MPD A C5    
# 
